data_4BO6
#
_entry.id   4BO6
#
_cell.length_a   54.490
_cell.length_b   108.860
_cell.length_c   147.400
_cell.angle_alpha   90.00
_cell.angle_beta   90.00
_cell.angle_gamma   90.00
#
_symmetry.space_group_name_H-M   'P 21 21 21'
#
loop_
_entity.id
_entity.type
_entity.pdbx_description
1 polymer '3-OXOACYL-[ACYL-CARRIER-PROTEIN] REDUCTASE FABG'
2 non-polymer 2,3-dihydroindol-1-yl-(2-thiophen-3-yl-1,3-thiazol-4-yl)methanone
3 water water
#
_entity_poly.entity_id   1
_entity_poly.type   'polypeptide(L)'
_entity_poly.pdbx_seq_one_letter_code
;MHHHHHHSSGVDLGTENLYFQSMSLQGKVALVTGASRGIGQAIALELGRLGAVVIGTATSASGAEKIAETLKANGVEGAG
LVLDVSSDESVAATLEHIQQHLGQPLIVVNNAGITRDNLLVRMKDDEWFDVVNTNLNSLYRLSKAVLRGMTKARWGRIIN
IGSVVGAMGNAGQTNYAAAKAGLEGFTRALAREVGSRAITVNAVAPGFIDTDMTRELPEAQREALLGQIPLGRLGQAEEI
AKVVGFLASDGAAYVTGATVPVNGGMYMS
;
_entity_poly.pdbx_strand_id   A,B,C,D
#
# COMPACT_ATOMS: atom_id res chain seq x y z
N GLN A 21 23.35 19.05 -21.78
CA GLN A 21 22.88 19.21 -20.37
C GLN A 21 23.28 17.99 -19.52
N SER A 22 22.81 17.96 -18.27
CA SER A 22 22.95 16.80 -17.38
C SER A 22 21.75 15.79 -17.50
N MET A 23 20.97 15.95 -18.56
CA MET A 23 19.93 15.01 -18.96
C MET A 23 20.49 14.13 -20.10
N SER A 24 21.73 14.38 -20.49
CA SER A 24 22.30 13.80 -21.70
C SER A 24 22.59 12.29 -21.56
N LEU A 25 22.28 11.55 -22.64
CA LEU A 25 22.63 10.11 -22.79
C LEU A 25 23.65 9.84 -23.92
N GLN A 26 24.49 10.84 -24.22
CA GLN A 26 25.43 10.72 -25.30
C GLN A 26 26.38 9.60 -24.94
N GLY A 27 26.55 8.63 -25.84
CA GLY A 27 27.45 7.53 -25.63
C GLY A 27 26.77 6.30 -25.04
N LYS A 28 25.49 6.41 -24.74
CA LYS A 28 24.73 5.27 -24.26
C LYS A 28 23.95 4.58 -25.38
N VAL A 29 23.93 3.27 -25.33
CA VAL A 29 23.08 2.47 -26.19
C VAL A 29 21.85 2.10 -25.38
N ALA A 30 20.69 2.46 -25.90
CA ALA A 30 19.44 2.10 -25.26
C ALA A 30 18.71 1.07 -26.12
N LEU A 31 18.08 0.12 -25.47
CA LEU A 31 17.26 -0.87 -26.13
C LEU A 31 15.83 -0.64 -25.67
N VAL A 32 14.92 -0.42 -26.60
CA VAL A 32 13.52 -0.19 -26.26
C VAL A 32 12.71 -1.24 -26.99
N THR A 33 12.07 -2.15 -26.24
CA THR A 33 11.28 -3.20 -26.86
C THR A 33 9.89 -2.66 -27.24
N GLY A 34 9.32 -3.17 -28.33
CA GLY A 34 7.95 -2.81 -28.74
C GLY A 34 7.85 -1.34 -29.06
N ALA A 35 8.68 -0.91 -30.00
CA ALA A 35 8.92 0.52 -30.28
C ALA A 35 8.36 0.96 -31.64
N SER A 36 7.47 0.17 -32.24
CA SER A 36 6.91 0.52 -33.56
C SER A 36 5.71 1.50 -33.45
N ARG A 37 5.11 1.60 -32.27
CA ARG A 37 3.96 2.45 -32.11
C ARG A 37 3.78 2.96 -30.69
N GLY A 38 2.86 3.91 -30.56
CA GLY A 38 2.45 4.43 -29.28
C GLY A 38 3.59 4.74 -28.35
N ILE A 39 3.44 4.28 -27.12
CA ILE A 39 4.31 4.62 -26.03
C ILE A 39 5.73 4.16 -26.32
N GLY A 40 5.87 3.00 -26.94
CA GLY A 40 7.19 2.48 -27.25
C GLY A 40 7.91 3.38 -28.22
N GLN A 41 7.20 3.79 -29.26
CA GLN A 41 7.77 4.69 -30.24
C GLN A 41 8.18 6.01 -29.56
N ALA A 42 7.32 6.53 -28.69
CA ALA A 42 7.55 7.79 -28.02
C ALA A 42 8.77 7.75 -27.11
N ILE A 43 8.95 6.61 -26.45
CA ILE A 43 10.13 6.35 -25.62
C ILE A 43 11.41 6.27 -26.44
N ALA A 44 11.36 5.58 -27.58
CA ALA A 44 12.52 5.53 -28.49
C ALA A 44 12.99 6.90 -28.96
N LEU A 45 12.06 7.79 -29.29
CA LEU A 45 12.39 9.10 -29.79
C LEU A 45 12.92 9.98 -28.65
N GLU A 46 12.31 9.84 -27.48
CA GLU A 46 12.73 10.66 -26.36
C GLU A 46 14.18 10.34 -26.03
N LEU A 47 14.51 9.05 -25.94
CA LEU A 47 15.86 8.65 -25.58
C LEU A 47 16.81 9.08 -26.68
N GLY A 48 16.37 8.97 -27.92
CA GLY A 48 17.16 9.47 -29.03
C GLY A 48 17.39 10.97 -28.92
N ARG A 49 16.36 11.73 -28.66
CA ARG A 49 16.46 13.17 -28.44
C ARG A 49 17.44 13.55 -27.35
N LEU A 50 17.51 12.75 -26.30
CA LEU A 50 18.48 12.98 -25.23
C LEU A 50 19.92 12.56 -25.59
N GLY A 51 20.12 11.98 -26.78
CA GLY A 51 21.44 11.66 -27.28
C GLY A 51 21.86 10.19 -27.29
N ALA A 52 20.98 9.29 -26.88
CA ALA A 52 21.31 7.85 -26.88
C ALA A 52 21.30 7.32 -28.28
N VAL A 53 22.03 6.23 -28.50
CA VAL A 53 21.92 5.43 -29.70
C VAL A 53 20.83 4.43 -29.43
N VAL A 54 19.75 4.47 -30.18
CA VAL A 54 18.55 3.69 -29.83
C VAL A 54 18.32 2.47 -30.71
N ILE A 55 18.08 1.32 -30.08
CA ILE A 55 17.70 0.10 -30.78
C ILE A 55 16.28 -0.25 -30.36
N GLY A 56 15.37 -0.15 -31.31
CA GLY A 56 13.97 -0.42 -31.04
C GLY A 56 13.58 -1.73 -31.67
N THR A 57 12.77 -2.52 -30.98
CA THR A 57 12.38 -3.81 -31.48
C THR A 57 10.88 -3.91 -31.76
N ALA A 58 10.56 -4.75 -32.73
CA ALA A 58 9.22 -5.23 -32.99
C ALA A 58 9.31 -6.73 -33.20
N THR A 59 8.17 -7.38 -33.37
CA THR A 59 8.11 -8.84 -33.53
C THR A 59 8.17 -9.27 -35.02
N SER A 60 7.82 -8.36 -35.91
CA SER A 60 7.87 -8.61 -37.35
C SER A 60 9.00 -7.82 -38.00
N ALA A 61 9.41 -8.26 -39.18
CA ALA A 61 10.42 -7.53 -39.97
C ALA A 61 9.88 -6.20 -40.53
N SER A 62 8.60 -6.15 -40.90
CA SER A 62 8.03 -4.91 -41.40
C SER A 62 8.13 -3.85 -40.30
N GLY A 63 7.78 -4.24 -39.07
CA GLY A 63 7.87 -3.35 -37.91
C GLY A 63 9.29 -2.93 -37.56
N ALA A 64 10.26 -3.82 -37.74
CA ALA A 64 11.67 -3.49 -37.52
C ALA A 64 12.12 -2.46 -38.52
N GLU A 65 11.70 -2.61 -39.76
CA GLU A 65 11.99 -1.62 -40.78
C GLU A 65 11.32 -0.27 -40.50
N LYS A 66 10.07 -0.28 -40.08
CA LYS A 66 9.38 0.96 -39.79
C LYS A 66 10.07 1.76 -38.67
N ILE A 67 10.57 1.04 -37.67
CA ILE A 67 11.28 1.65 -36.57
C ILE A 67 12.50 2.37 -37.14
N ALA A 68 13.23 1.67 -38.01
CA ALA A 68 14.45 2.25 -38.58
C ALA A 68 14.16 3.55 -39.31
N GLU A 69 13.10 3.57 -40.12
CA GLU A 69 12.69 4.80 -40.84
C GLU A 69 12.32 5.93 -39.88
N THR A 70 11.46 5.65 -38.89
CA THR A 70 11.12 6.63 -37.84
C THR A 70 12.38 7.26 -37.19
N LEU A 71 13.33 6.41 -36.81
CA LEU A 71 14.58 6.88 -36.21
C LEU A 71 15.37 7.79 -37.16
N LYS A 72 15.44 7.41 -38.44
CA LYS A 72 16.11 8.24 -39.45
C LYS A 72 15.40 9.59 -39.60
N ALA A 73 14.08 9.50 -39.78
CA ALA A 73 13.19 10.65 -39.96
C ALA A 73 13.20 11.61 -38.78
N ASN A 74 13.71 11.17 -37.63
CA ASN A 74 13.84 12.03 -36.46
C ASN A 74 15.31 12.29 -36.06
N GLY A 75 16.23 11.97 -36.95
CA GLY A 75 17.64 12.25 -36.70
C GLY A 75 18.26 11.51 -35.52
N VAL A 76 17.74 10.31 -35.27
CA VAL A 76 18.22 9.47 -34.18
C VAL A 76 19.04 8.30 -34.69
N GLU A 77 20.24 8.16 -34.18
CA GLU A 77 21.11 7.06 -34.57
C GLU A 77 20.67 5.79 -33.91
N GLY A 78 20.65 4.68 -34.66
CA GLY A 78 20.29 3.39 -34.08
C GLY A 78 19.87 2.37 -35.10
N ALA A 79 18.84 1.60 -34.78
CA ALA A 79 18.42 0.47 -35.61
C ALA A 79 17.08 -0.05 -35.13
N GLY A 80 16.40 -0.77 -36.01
CA GLY A 80 15.25 -1.54 -35.62
C GLY A 80 15.61 -3.02 -35.71
N LEU A 81 15.14 -3.85 -34.78
CA LEU A 81 15.39 -5.30 -34.81
C LEU A 81 14.15 -6.11 -34.55
N VAL A 82 14.20 -7.36 -34.98
CA VAL A 82 13.15 -8.31 -34.64
C VAL A 82 13.55 -9.01 -33.33
N LEU A 83 12.62 -8.99 -32.40
CA LEU A 83 12.83 -9.58 -31.09
C LEU A 83 11.55 -10.17 -30.60
N ASP A 84 11.63 -11.43 -30.16
CA ASP A 84 10.48 -12.07 -29.50
C ASP A 84 10.85 -12.32 -28.04
N VAL A 85 10.33 -11.49 -27.11
CA VAL A 85 10.78 -11.57 -25.69
C VAL A 85 10.29 -12.82 -24.96
N SER A 86 9.46 -13.62 -25.62
CA SER A 86 8.98 -14.88 -25.04
C SER A 86 9.94 -16.05 -25.31
N SER A 87 10.92 -15.81 -26.17
CA SER A 87 11.87 -16.84 -26.60
C SER A 87 13.31 -16.55 -26.12
N ASP A 88 13.88 -17.50 -25.38
CA ASP A 88 15.29 -17.41 -24.97
C ASP A 88 16.28 -17.29 -26.15
N GLU A 89 15.96 -18.00 -27.24
CA GLU A 89 16.78 -18.01 -28.45
C GLU A 89 16.76 -16.62 -29.11
N SER A 90 15.56 -16.06 -29.28
CA SER A 90 15.40 -14.70 -29.82
C SER A 90 16.19 -13.67 -28.99
N VAL A 91 16.02 -13.74 -27.67
CA VAL A 91 16.72 -12.83 -26.75
C VAL A 91 18.24 -12.97 -26.85
N ALA A 92 18.75 -14.19 -26.82
CA ALA A 92 20.21 -14.43 -26.89
C ALA A 92 20.82 -13.94 -28.19
N ALA A 93 20.20 -14.36 -29.28
CA ALA A 93 20.66 -14.00 -30.61
C ALA A 93 20.65 -12.48 -30.81
N THR A 94 19.51 -11.87 -30.56
CA THR A 94 19.37 -10.43 -30.69
C THR A 94 20.45 -9.71 -29.89
N LEU A 95 20.63 -10.11 -28.64
CA LEU A 95 21.57 -9.41 -27.78
C LEU A 95 22.98 -9.50 -28.30
N GLU A 96 23.31 -10.63 -28.88
CA GLU A 96 24.61 -10.85 -29.45
C GLU A 96 24.82 -9.99 -30.71
N HIS A 97 23.79 -9.93 -31.55
CA HIS A 97 23.75 -9.02 -32.70
C HIS A 97 24.06 -7.57 -32.34
N ILE A 98 23.39 -7.09 -31.31
CA ILE A 98 23.59 -5.73 -30.81
C ILE A 98 25.03 -5.53 -30.31
N GLN A 99 25.55 -6.52 -29.58
CA GLN A 99 26.89 -6.41 -29.00
C GLN A 99 27.97 -6.29 -30.06
N GLN A 100 27.85 -7.08 -31.13
CA GLN A 100 28.85 -7.06 -32.21
C GLN A 100 28.84 -5.76 -33.01
N HIS A 101 27.66 -5.31 -33.40
CA HIS A 101 27.53 -4.17 -34.32
C HIS A 101 27.49 -2.80 -33.65
N LEU A 102 26.80 -2.67 -32.52
CA LEU A 102 26.56 -1.37 -31.88
C LEU A 102 27.21 -1.15 -30.53
N GLY A 103 27.37 -2.20 -29.75
CA GLY A 103 27.85 -2.07 -28.37
C GLY A 103 26.86 -2.67 -27.40
N GLN A 104 27.10 -2.45 -26.13
CA GLN A 104 26.31 -3.10 -25.08
C GLN A 104 25.21 -2.17 -24.57
N PRO A 105 23.95 -2.63 -24.62
CA PRO A 105 22.88 -1.74 -24.16
C PRO A 105 22.88 -1.62 -22.66
N LEU A 106 22.99 -0.40 -22.16
CA LEU A 106 23.04 -0.14 -20.73
C LEU A 106 21.77 0.54 -20.27
N ILE A 107 20.95 0.97 -21.24
CA ILE A 107 19.61 1.42 -20.96
C ILE A 107 18.67 0.45 -21.67
N VAL A 108 17.80 -0.20 -20.89
CA VAL A 108 16.85 -1.13 -21.46
C VAL A 108 15.47 -0.79 -20.97
N VAL A 109 14.55 -0.66 -21.90
CA VAL A 109 13.18 -0.30 -21.60
C VAL A 109 12.26 -1.41 -22.09
N ASN A 110 11.58 -2.05 -21.16
CA ASN A 110 10.66 -3.12 -21.45
C ASN A 110 9.28 -2.56 -21.64
N ASN A 111 8.83 -2.49 -22.89
CA ASN A 111 7.46 -2.12 -23.20
C ASN A 111 6.70 -3.20 -23.98
N ALA A 112 7.42 -4.17 -24.54
CA ALA A 112 6.78 -5.26 -25.28
C ALA A 112 6.01 -6.21 -24.37
N GLY A 113 4.72 -6.39 -24.69
CA GLY A 113 3.91 -7.50 -24.19
C GLY A 113 3.59 -8.42 -25.35
N GLU A 127 -7.25 -17.13 -17.55
CA GLU A 127 -6.19 -16.44 -18.30
C GLU A 127 -5.82 -15.04 -17.79
N TRP A 128 -6.53 -14.53 -16.78
CA TRP A 128 -6.02 -13.40 -15.97
C TRP A 128 -4.60 -13.69 -15.43
N PHE A 129 -4.37 -14.94 -15.03
CA PHE A 129 -3.13 -15.37 -14.40
C PHE A 129 -2.02 -15.59 -15.42
N ASP A 130 -2.35 -16.29 -16.49
CA ASP A 130 -1.36 -16.58 -17.56
C ASP A 130 -0.78 -15.30 -18.19
N VAL A 131 -1.61 -14.28 -18.41
CA VAL A 131 -1.13 -13.01 -18.95
C VAL A 131 -0.04 -12.40 -18.07
N VAL A 132 -0.37 -12.19 -16.78
CA VAL A 132 0.56 -11.53 -15.84
C VAL A 132 1.81 -12.37 -15.68
N ASN A 133 1.60 -13.67 -15.52
CA ASN A 133 2.67 -14.59 -15.27
C ASN A 133 3.60 -14.69 -16.48
N THR A 134 3.02 -14.73 -17.67
CA THR A 134 3.82 -14.75 -18.89
C THR A 134 4.63 -13.46 -19.03
N ASN A 135 4.00 -12.32 -18.80
CA ASN A 135 4.70 -11.06 -18.93
C ASN A 135 5.90 -10.95 -18.03
N LEU A 136 5.70 -11.29 -16.75
CA LEU A 136 6.77 -11.14 -15.77
C LEU A 136 7.92 -12.10 -16.06
N ASN A 137 7.60 -13.28 -16.57
CA ASN A 137 8.65 -14.17 -17.06
C ASN A 137 9.44 -13.58 -18.20
N SER A 138 8.78 -12.84 -19.08
CA SER A 138 9.47 -12.15 -20.20
C SER A 138 10.33 -10.99 -19.71
N LEU A 139 9.80 -10.20 -18.79
CA LEU A 139 10.63 -9.23 -18.08
C LEU A 139 11.90 -9.83 -17.50
N TYR A 140 11.76 -10.93 -16.76
CA TYR A 140 12.88 -11.57 -16.13
C TYR A 140 13.88 -12.08 -17.15
N ARG A 141 13.39 -12.79 -18.15
CA ARG A 141 14.24 -13.35 -19.22
C ARG A 141 15.11 -12.30 -19.85
N LEU A 142 14.49 -11.21 -20.28
CA LEU A 142 15.23 -10.14 -20.90
C LEU A 142 16.15 -9.41 -19.93
N SER A 143 15.61 -9.11 -18.73
CA SER A 143 16.38 -8.44 -17.71
C SER A 143 17.68 -9.20 -17.39
N LYS A 144 17.56 -10.49 -17.12
CA LYS A 144 18.71 -11.31 -16.80
C LYS A 144 19.78 -11.25 -17.87
N ALA A 145 19.36 -11.26 -19.13
CA ALA A 145 20.30 -11.37 -20.24
C ALA A 145 21.15 -10.12 -20.40
N VAL A 146 20.52 -8.95 -20.25
CA VAL A 146 21.21 -7.69 -20.39
C VAL A 146 22.04 -7.31 -19.17
N LEU A 147 21.93 -8.06 -18.09
CA LEU A 147 22.61 -7.73 -16.86
C LEU A 147 24.10 -8.02 -16.89
N ARG A 148 24.52 -8.98 -17.71
CA ARG A 148 25.94 -9.28 -17.76
C ARG A 148 26.69 -8.07 -18.22
N GLY A 149 26.15 -7.41 -19.25
CA GLY A 149 26.77 -6.22 -19.83
C GLY A 149 26.75 -5.01 -18.92
N MET A 150 25.68 -4.87 -18.15
CA MET A 150 25.56 -3.78 -17.19
C MET A 150 26.49 -3.99 -15.99
N THR A 151 26.55 -5.24 -15.54
CA THR A 151 27.44 -5.67 -14.48
C THR A 151 28.85 -5.32 -14.86
N LYS A 152 29.26 -5.78 -16.04
CA LYS A 152 30.59 -5.54 -16.56
C LYS A 152 30.95 -4.05 -16.55
N ALA A 153 30.01 -3.19 -16.90
CA ALA A 153 30.24 -1.73 -16.93
C ALA A 153 30.04 -1.07 -15.58
N ARG A 154 29.47 -1.80 -14.63
CA ARG A 154 29.09 -1.24 -13.32
C ARG A 154 28.21 0.02 -13.42
N TRP A 155 27.27 -0.02 -14.36
CA TRP A 155 26.30 1.03 -14.51
C TRP A 155 25.13 0.47 -15.32
N GLY A 156 23.91 0.91 -15.02
CA GLY A 156 22.75 0.46 -15.78
C GLY A 156 21.41 1.12 -15.47
N ARG A 157 20.48 1.02 -16.43
CA ARG A 157 19.09 1.44 -16.24
C ARG A 157 18.18 0.40 -16.88
N ILE A 158 17.39 -0.26 -16.04
CA ILE A 158 16.25 -1.06 -16.51
C ILE A 158 14.97 -0.32 -16.12
N ILE A 159 14.09 -0.11 -17.09
CA ILE A 159 12.83 0.56 -16.85
C ILE A 159 11.71 -0.26 -17.48
N ASN A 160 10.70 -0.58 -16.66
CA ASN A 160 9.62 -1.43 -17.09
C ASN A 160 8.34 -0.61 -17.25
N ILE A 161 7.69 -0.72 -18.41
CA ILE A 161 6.46 0.02 -18.64
C ILE A 161 5.25 -0.87 -18.37
N GLY A 162 4.31 -0.39 -17.58
CA GLY A 162 3.11 -1.15 -17.24
C GLY A 162 2.09 -1.07 -18.35
N SER A 163 0.97 -1.77 -18.17
CA SER A 163 -0.11 -1.78 -19.17
CA SER A 163 -0.08 -1.77 -19.18
C SER A 163 -0.97 -0.54 -19.03
N VAL A 164 -1.38 0.01 -20.15
CA VAL A 164 -2.27 1.16 -20.17
C VAL A 164 -3.68 0.71 -19.83
N VAL A 165 -4.37 1.52 -19.03
CA VAL A 165 -5.79 1.39 -18.75
C VAL A 165 -6.60 1.54 -20.03
N GLY A 166 -7.44 0.56 -20.29
CA GLY A 166 -8.17 0.51 -21.52
C GLY A 166 -9.20 -0.59 -21.28
N ALA A 167 -10.47 -0.27 -21.55
CA ALA A 167 -11.60 -1.19 -21.22
C ALA A 167 -11.22 -2.67 -21.25
N ALA A 171 -12.97 -8.26 -15.73
CA ALA A 171 -11.86 -8.80 -16.51
C ALA A 171 -10.82 -7.75 -16.92
N GLY A 172 -11.26 -6.51 -17.19
CA GLY A 172 -10.37 -5.40 -17.52
C GLY A 172 -9.71 -4.77 -16.30
N GLN A 173 -10.51 -4.40 -15.30
CA GLN A 173 -9.99 -3.84 -14.02
C GLN A 173 -9.17 -4.85 -13.19
N THR A 174 -9.67 -6.09 -13.16
CA THR A 174 -8.99 -7.20 -12.48
C THR A 174 -7.59 -7.47 -13.06
N ASN A 175 -7.50 -7.53 -14.40
CA ASN A 175 -6.24 -7.81 -15.04
C ASN A 175 -5.29 -6.63 -14.91
N TYR A 176 -5.78 -5.41 -15.07
CA TYR A 176 -4.95 -4.21 -14.94
C TYR A 176 -4.33 -4.15 -13.54
N ALA A 177 -5.18 -4.24 -12.52
CA ALA A 177 -4.73 -4.03 -11.12
C ALA A 177 -3.74 -5.12 -10.69
N ALA A 178 -3.93 -6.30 -11.24
CA ALA A 178 -3.06 -7.42 -10.96
C ALA A 178 -1.71 -7.23 -11.66
N ALA A 179 -1.72 -6.87 -12.94
CA ALA A 179 -0.49 -6.66 -13.69
C ALA A 179 0.33 -5.54 -13.08
N LYS A 180 -0.35 -4.54 -12.53
CA LYS A 180 0.33 -3.45 -11.80
C LYS A 180 0.94 -3.93 -10.47
N ALA A 181 0.18 -4.73 -9.73
CA ALA A 181 0.67 -5.29 -8.49
C ALA A 181 1.92 -6.16 -8.72
N GLY A 182 1.91 -6.95 -9.80
CA GLY A 182 2.99 -7.87 -10.09
C GLY A 182 4.24 -7.13 -10.55
N LEU A 183 4.03 -6.07 -11.32
CA LEU A 183 5.11 -5.23 -11.77
C LEU A 183 5.78 -4.48 -10.60
N GLU A 184 4.98 -3.89 -9.72
CA GLU A 184 5.52 -3.16 -8.55
C GLU A 184 6.36 -4.08 -7.71
N GLY A 185 5.88 -5.29 -7.47
CA GLY A 185 6.63 -6.25 -6.66
C GLY A 185 7.89 -6.72 -7.37
N PHE A 186 7.75 -7.05 -8.64
CA PHE A 186 8.86 -7.51 -9.45
C PHE A 186 9.99 -6.50 -9.51
N THR A 187 9.64 -5.26 -9.83
CA THR A 187 10.58 -4.17 -10.03
C THR A 187 11.38 -3.91 -8.75
N ARG A 188 10.67 -3.87 -7.63
CA ARG A 188 11.27 -3.68 -6.32
C ARG A 188 12.29 -4.74 -5.98
N ALA A 189 11.97 -6.02 -6.28
CA ALA A 189 12.84 -7.12 -5.93
C ALA A 189 14.07 -7.13 -6.77
N LEU A 190 13.91 -6.97 -8.07
CA LEU A 190 15.04 -6.98 -9.00
C LEU A 190 16.02 -5.85 -8.64
N ALA A 191 15.47 -4.67 -8.38
CA ALA A 191 16.26 -3.53 -7.92
C ALA A 191 17.14 -3.91 -6.74
N ARG A 192 16.62 -4.70 -5.82
CA ARG A 192 17.38 -5.11 -4.64
C ARG A 192 18.50 -6.06 -4.99
N GLU A 193 18.22 -6.99 -5.89
CA GLU A 193 19.23 -7.94 -6.32
CA GLU A 193 19.21 -7.94 -6.35
C GLU A 193 20.43 -7.29 -7.03
N VAL A 194 20.20 -6.23 -7.80
CA VAL A 194 21.27 -5.66 -8.64
C VAL A 194 21.85 -4.31 -8.17
N GLY A 195 21.36 -3.79 -7.06
CA GLY A 195 21.72 -2.44 -6.61
C GLY A 195 23.20 -2.21 -6.37
N SER A 196 23.86 -3.18 -5.75
CA SER A 196 25.28 -3.05 -5.39
C SER A 196 26.13 -2.69 -6.60
N ARG A 197 25.63 -3.05 -7.79
CA ARG A 197 26.36 -2.86 -9.05
C ARG A 197 26.12 -1.51 -9.72
N ALA A 198 25.43 -0.58 -9.04
CA ALA A 198 25.08 0.72 -9.62
C ALA A 198 24.10 0.62 -10.81
N ILE A 199 23.13 -0.28 -10.70
CA ILE A 199 22.11 -0.47 -11.72
C ILE A 199 20.77 -0.15 -11.08
N THR A 200 20.07 0.86 -11.61
CA THR A 200 18.72 1.13 -11.13
C THR A 200 17.66 0.36 -11.92
N VAL A 201 16.60 -0.03 -11.23
CA VAL A 201 15.49 -0.76 -11.81
C VAL A 201 14.22 -0.07 -11.33
N ASN A 202 13.43 0.43 -12.28
CA ASN A 202 12.25 1.20 -11.97
C ASN A 202 11.13 0.87 -12.96
N ALA A 203 9.93 1.34 -12.64
CA ALA A 203 8.77 1.10 -13.46
C ALA A 203 8.03 2.39 -13.67
N VAL A 204 7.23 2.40 -14.72
CA VAL A 204 6.34 3.50 -14.99
C VAL A 204 4.97 2.90 -15.23
N ALA A 205 3.99 3.39 -14.48
CA ALA A 205 2.64 2.84 -14.50
C ALA A 205 1.71 3.82 -15.18
N PRO A 206 1.50 3.67 -16.50
CA PRO A 206 0.59 4.56 -17.16
C PRO A 206 -0.83 4.38 -16.70
N GLY A 207 -1.58 5.49 -16.75
CA GLY A 207 -3.04 5.45 -16.61
C GLY A 207 -3.68 5.40 -17.98
N PHE A 208 -4.62 6.32 -18.25
CA PHE A 208 -5.33 6.36 -19.51
C PHE A 208 -4.60 7.23 -20.52
N ILE A 209 -3.95 6.60 -21.49
CA ILE A 209 -3.09 7.30 -22.46
C ILE A 209 -3.76 7.36 -23.81
N ASP A 210 -3.51 8.45 -24.53
CA ASP A 210 -4.04 8.58 -25.86
C ASP A 210 -3.22 7.72 -26.82
N THR A 211 -3.69 6.55 -27.24
CA THR A 211 -2.95 5.68 -28.19
C THR A 211 -3.87 5.00 -29.20
N ASP A 212 -3.27 4.28 -30.15
CA ASP A 212 -4.05 3.58 -31.19
C ASP A 212 -4.98 2.52 -30.60
N MET A 213 -4.55 1.89 -29.51
CA MET A 213 -5.39 0.93 -28.80
C MET A 213 -6.52 1.55 -27.96
N THR A 214 -6.39 2.83 -27.61
CA THR A 214 -7.40 3.58 -26.85
C THR A 214 -8.28 4.54 -27.65
N ARG A 215 -7.80 4.99 -28.80
CA ARG A 215 -8.55 5.91 -29.68
C ARG A 215 -9.94 5.42 -30.10
N GLU A 216 -10.13 4.11 -30.13
CA GLU A 216 -11.36 3.54 -30.62
C GLU A 216 -12.02 2.62 -29.60
N LEU A 217 -12.00 3.05 -28.34
CA LEU A 217 -12.88 2.48 -27.34
C LEU A 217 -14.21 3.17 -27.55
N PRO A 218 -15.32 2.50 -27.20
CA PRO A 218 -16.60 3.19 -27.28
C PRO A 218 -16.66 4.49 -26.44
N GLU A 219 -17.41 5.47 -26.96
CA GLU A 219 -17.62 6.75 -26.32
C GLU A 219 -18.06 6.56 -24.86
N ALA A 220 -19.07 5.74 -24.64
CA ALA A 220 -19.55 5.47 -23.28
C ALA A 220 -18.41 5.14 -22.29
N GLN A 221 -17.51 4.24 -22.69
CA GLN A 221 -16.41 3.81 -21.82
C GLN A 221 -15.31 4.86 -21.72
N ARG A 222 -14.99 5.51 -22.83
CA ARG A 222 -14.08 6.63 -22.82
C ARG A 222 -14.51 7.70 -21.85
N GLU A 223 -15.75 8.15 -21.98
CA GLU A 223 -16.28 9.22 -21.16
C GLU A 223 -16.25 8.85 -19.69
N ALA A 224 -16.61 7.60 -19.40
CA ALA A 224 -16.55 7.09 -18.03
C ALA A 224 -15.13 7.21 -17.46
N LEU A 225 -14.14 6.90 -18.30
CA LEU A 225 -12.72 6.90 -17.90
C LEU A 225 -12.20 8.35 -17.66
N LEU A 226 -12.53 9.27 -18.57
CA LEU A 226 -12.32 10.71 -18.37
C LEU A 226 -12.89 11.22 -17.06
N GLY A 227 -14.05 10.70 -16.71
CA GLY A 227 -14.74 11.16 -15.50
C GLY A 227 -14.07 10.77 -14.19
N GLN A 228 -13.08 9.90 -14.27
CA GLN A 228 -12.33 9.46 -13.12
C GLN A 228 -10.92 10.03 -13.10
N ILE A 229 -10.59 10.94 -14.03
CA ILE A 229 -9.26 11.48 -14.14
C ILE A 229 -9.26 12.95 -13.74
N PRO A 230 -8.79 13.27 -12.50
CA PRO A 230 -8.71 14.64 -12.00
C PRO A 230 -8.24 15.69 -13.03
N LEU A 231 -7.21 15.40 -13.83
CA LEU A 231 -6.81 16.33 -14.89
C LEU A 231 -7.85 16.49 -16.01
N GLY A 232 -8.84 15.62 -16.06
CA GLY A 232 -9.87 15.69 -17.08
C GLY A 232 -9.46 15.41 -18.53
N ARG A 233 -8.33 14.72 -18.73
CA ARG A 233 -7.87 14.42 -20.07
C ARG A 233 -7.08 13.14 -20.13
N LEU A 234 -6.97 12.59 -21.32
CA LEU A 234 -6.06 11.49 -21.58
C LEU A 234 -4.63 11.96 -21.48
N GLY A 235 -3.74 11.07 -21.10
CA GLY A 235 -2.32 11.35 -21.16
C GLY A 235 -1.82 11.20 -22.59
N GLN A 236 -0.71 11.87 -22.91
CA GLN A 236 -0.03 11.66 -24.18
C GLN A 236 1.12 10.65 -24.03
N ALA A 237 1.39 9.91 -25.10
CA ALA A 237 2.51 8.98 -25.09
C ALA A 237 3.79 9.71 -24.73
N GLU A 238 3.98 10.93 -25.22
CA GLU A 238 5.17 11.72 -24.91
CA GLU A 238 5.18 11.73 -24.92
C GLU A 238 5.36 11.98 -23.42
N GLU A 239 4.24 12.04 -22.69
CA GLU A 239 4.25 12.32 -21.26
C GLU A 239 4.75 11.12 -20.44
N ILE A 240 4.62 9.93 -21.01
CA ILE A 240 5.22 8.74 -20.43
C ILE A 240 6.70 8.76 -20.76
N ALA A 241 7.01 9.05 -22.01
CA ALA A 241 8.38 9.06 -22.50
C ALA A 241 9.26 10.03 -21.71
N LYS A 242 8.71 11.18 -21.32
CA LYS A 242 9.49 12.13 -20.52
C LYS A 242 9.93 11.52 -19.19
N VAL A 243 9.01 10.80 -18.54
CA VAL A 243 9.32 10.21 -17.25
C VAL A 243 10.43 9.16 -17.41
N VAL A 244 10.36 8.40 -18.48
CA VAL A 244 11.32 7.36 -18.74
C VAL A 244 12.67 7.97 -18.98
N GLY A 245 12.65 9.07 -19.71
CA GLY A 245 13.89 9.76 -20.03
C GLY A 245 14.64 10.23 -18.79
N PHE A 246 13.89 10.67 -17.80
CA PHE A 246 14.46 11.17 -16.57
C PHE A 246 15.04 10.00 -15.78
N LEU A 247 14.28 8.91 -15.64
CA LEU A 247 14.75 7.74 -14.91
C LEU A 247 16.07 7.19 -15.49
N ALA A 248 16.27 7.39 -16.78
CA ALA A 248 17.51 6.98 -17.48
C ALA A 248 18.69 7.92 -17.28
N SER A 249 18.43 9.17 -16.93
CA SER A 249 19.50 10.16 -16.67
C SER A 249 20.34 9.91 -15.43
N ASP A 250 21.45 10.62 -15.30
CA ASP A 250 22.30 10.52 -14.10
C ASP A 250 21.66 11.16 -12.89
N GLY A 251 20.71 12.08 -13.10
CA GLY A 251 19.97 12.72 -12.02
C GLY A 251 19.03 11.80 -11.27
N ALA A 252 18.54 10.74 -11.93
CA ALA A 252 17.72 9.71 -11.28
C ALA A 252 18.54 8.56 -10.69
N ALA A 253 19.82 8.82 -10.39
CA ALA A 253 20.72 7.74 -9.97
C ALA A 253 20.41 7.19 -8.58
N TYR A 254 19.72 7.97 -7.75
CA TYR A 254 19.35 7.46 -6.41
C TYR A 254 17.96 6.86 -6.38
N VAL A 255 17.28 6.84 -7.53
CA VAL A 255 15.93 6.31 -7.60
C VAL A 255 16.02 4.88 -8.09
N THR A 256 15.61 3.94 -7.25
CA THR A 256 15.58 2.54 -7.67
C THR A 256 14.49 1.76 -6.91
N GLY A 257 13.83 0.83 -7.62
CA GLY A 257 12.71 0.05 -7.07
C GLY A 257 11.39 0.80 -7.06
N ALA A 258 11.33 1.93 -7.75
CA ALA A 258 10.19 2.79 -7.69
C ALA A 258 9.25 2.48 -8.84
N THR A 259 7.96 2.62 -8.59
CA THR A 259 7.00 2.62 -9.67
C THR A 259 6.35 4.00 -9.69
N VAL A 260 6.75 4.81 -10.68
CA VAL A 260 6.20 6.13 -10.86
C VAL A 260 4.87 6.01 -11.62
N PRO A 261 3.75 6.35 -10.96
CA PRO A 261 2.46 6.38 -11.65
C PRO A 261 2.29 7.64 -12.49
N VAL A 262 1.83 7.47 -13.72
CA VAL A 262 1.64 8.55 -14.66
C VAL A 262 0.24 8.45 -15.22
N ASN A 263 -0.72 8.97 -14.46
CA ASN A 263 -2.14 8.72 -14.70
C ASN A 263 -3.07 9.91 -14.42
N GLY A 264 -2.56 11.11 -14.33
CA GLY A 264 -3.40 12.31 -14.18
C GLY A 264 -4.25 12.34 -12.91
N GLY A 265 -3.86 11.57 -11.92
CA GLY A 265 -4.56 11.53 -10.65
C GLY A 265 -5.54 10.40 -10.44
N MET A 266 -5.71 9.53 -11.44
CA MET A 266 -6.63 8.38 -11.35
C MET A 266 -5.96 7.08 -10.91
N TYR A 267 -6.25 6.62 -9.69
CA TYR A 267 -5.56 5.44 -9.13
C TYR A 267 -6.49 4.24 -8.96
N MET A 268 -6.34 3.26 -9.86
CA MET A 268 -7.19 2.08 -9.86
C MET A 268 -6.50 0.89 -9.23
N SER A 269 -7.12 0.33 -8.19
CA SER A 269 -6.61 -0.88 -7.56
C SER A 269 -7.71 -1.96 -7.53
N LEU B 18 -29.45 -13.60 19.20
CA LEU B 18 -28.05 -13.07 19.16
C LEU B 18 -26.99 -14.14 19.44
N TYR B 19 -27.17 -14.91 20.52
CA TYR B 19 -26.07 -15.72 21.06
C TYR B 19 -25.69 -16.99 20.25
N PHE B 20 -26.58 -17.39 19.33
CA PHE B 20 -26.49 -18.66 18.59
C PHE B 20 -26.39 -18.55 17.06
N GLN B 21 -25.21 -18.91 16.55
CA GLN B 21 -24.84 -18.75 15.14
C GLN B 21 -23.75 -19.78 14.78
N SER B 22 -23.32 -19.76 13.53
CA SER B 22 -22.33 -20.69 12.99
C SER B 22 -20.97 -20.02 12.77
N MET B 23 -20.15 -19.92 13.83
CA MET B 23 -18.71 -19.78 13.67
C MET B 23 -18.08 -21.18 13.70
N SER B 24 -18.95 -22.17 13.87
CA SER B 24 -18.63 -23.60 13.80
C SER B 24 -18.34 -24.03 12.37
N LEU B 25 -17.46 -25.04 12.19
CA LEU B 25 -17.22 -25.62 10.86
C LEU B 25 -17.73 -27.05 10.76
N GLN B 26 -18.70 -27.40 11.59
CA GLN B 26 -19.23 -28.76 11.62
CA GLN B 26 -19.22 -28.76 11.61
C GLN B 26 -19.84 -29.03 10.25
N GLY B 27 -19.43 -30.11 9.61
CA GLY B 27 -19.95 -30.47 8.28
C GLY B 27 -19.09 -29.98 7.13
N LYS B 28 -18.03 -29.24 7.44
CA LYS B 28 -17.09 -28.81 6.42
C LYS B 28 -15.84 -29.68 6.34
N VAL B 29 -15.42 -29.97 5.11
CA VAL B 29 -14.18 -30.63 4.86
C VAL B 29 -13.13 -29.58 4.55
N ALA B 30 -12.08 -29.55 5.33
CA ALA B 30 -11.00 -28.62 5.10
C ALA B 30 -9.77 -29.38 4.60
N LEU B 31 -9.05 -28.78 3.66
CA LEU B 31 -7.81 -29.34 3.16
C LEU B 31 -6.71 -28.37 3.54
N VAL B 32 -5.71 -28.84 4.27
CA VAL B 32 -4.61 -28.00 4.69
C VAL B 32 -3.34 -28.63 4.16
N THR B 33 -2.67 -27.94 3.24
CA THR B 33 -1.44 -28.47 2.66
C THR B 33 -0.24 -28.17 3.57
N GLY B 34 0.75 -29.04 3.58
CA GLY B 34 1.96 -28.85 4.38
C GLY B 34 1.66 -28.77 5.87
N ALA B 35 1.02 -29.81 6.41
CA ALA B 35 0.42 -29.81 7.75
C ALA B 35 1.15 -30.70 8.75
N SER B 36 2.38 -31.08 8.43
CA SER B 36 3.11 -32.01 9.29
C SER B 36 3.84 -31.32 10.42
N ARG B 37 4.06 -30.02 10.29
CA ARG B 37 4.76 -29.31 11.34
C ARG B 37 4.38 -27.84 11.39
N GLY B 38 4.85 -27.18 12.43
CA GLY B 38 4.73 -25.77 12.57
C GLY B 38 3.34 -25.25 12.28
N ILE B 39 3.32 -24.19 11.49
CA ILE B 39 2.11 -23.43 11.21
C ILE B 39 1.04 -24.32 10.55
N GLY B 40 1.46 -25.19 9.64
CA GLY B 40 0.52 -26.06 8.97
C GLY B 40 -0.17 -26.96 9.96
N GLN B 41 0.61 -27.56 10.86
CA GLN B 41 0.05 -28.45 11.86
C GLN B 41 -0.94 -27.67 12.73
N ALA B 42 -0.56 -26.45 13.11
CA ALA B 42 -1.35 -25.64 14.03
C ALA B 42 -2.69 -25.29 13.39
N ILE B 43 -2.65 -25.01 12.08
CA ILE B 43 -3.86 -24.70 11.30
C ILE B 43 -4.78 -25.90 11.22
N ALA B 44 -4.20 -27.08 10.98
CA ALA B 44 -4.99 -28.32 10.93
C ALA B 44 -5.74 -28.59 12.24
N LEU B 45 -5.10 -28.34 13.38
CA LEU B 45 -5.70 -28.61 14.69
C LEU B 45 -6.72 -27.57 15.04
N GLU B 46 -6.45 -26.33 14.65
CA GLU B 46 -7.42 -25.27 14.88
C GLU B 46 -8.72 -25.53 14.12
N LEU B 47 -8.60 -25.89 12.83
CA LEU B 47 -9.79 -26.14 12.02
C LEU B 47 -10.54 -27.36 12.55
N GLY B 48 -9.78 -28.37 12.97
CA GLY B 48 -10.36 -29.55 13.61
C GLY B 48 -11.10 -29.20 14.89
N ARG B 49 -10.47 -28.40 15.75
CA ARG B 49 -11.08 -27.92 16.97
C ARG B 49 -12.39 -27.19 16.71
N LEU B 50 -12.48 -26.42 15.62
CA LEU B 50 -13.71 -25.70 15.25
C LEU B 50 -14.77 -26.60 14.62
N GLY B 51 -14.47 -27.89 14.42
CA GLY B 51 -15.46 -28.87 13.99
C GLY B 51 -15.34 -29.39 12.56
N ALA B 52 -14.35 -28.93 11.80
CA ALA B 52 -14.17 -29.39 10.43
C ALA B 52 -13.62 -30.80 10.41
N VAL B 53 -13.88 -31.52 9.33
CA VAL B 53 -13.18 -32.76 9.00
C VAL B 53 -11.93 -32.34 8.23
N VAL B 54 -10.76 -32.62 8.76
CA VAL B 54 -9.51 -32.09 8.21
C VAL B 54 -8.68 -33.11 7.43
N ILE B 55 -8.26 -32.73 6.24
CA ILE B 55 -7.29 -33.49 5.45
C ILE B 55 -6.00 -32.71 5.34
N GLY B 56 -4.94 -33.22 5.93
CA GLY B 56 -3.66 -32.52 5.95
C GLY B 56 -2.72 -33.27 5.06
N THR B 57 -1.92 -32.54 4.28
CA THR B 57 -1.00 -33.17 3.35
C THR B 57 0.47 -32.88 3.70
N ALA B 58 1.32 -33.84 3.33
CA ALA B 58 2.75 -33.69 3.30
C ALA B 58 3.23 -34.28 1.98
N THR B 59 4.53 -34.15 1.69
CA THR B 59 5.11 -34.62 0.42
C THR B 59 5.64 -36.06 0.52
N SER B 60 5.92 -36.51 1.75
CA SER B 60 6.37 -37.89 2.01
C SER B 60 5.29 -38.71 2.71
N ALA B 61 5.41 -40.03 2.60
CA ALA B 61 4.48 -40.93 3.29
C ALA B 61 4.68 -40.91 4.81
N SER B 62 5.92 -40.73 5.28
CA SER B 62 6.18 -40.63 6.71
C SER B 62 5.43 -39.45 7.29
N GLY B 63 5.49 -38.32 6.58
CA GLY B 63 4.76 -37.11 6.97
C GLY B 63 3.25 -37.23 6.91
N ALA B 64 2.74 -37.98 5.94
CA ALA B 64 1.31 -38.25 5.86
C ALA B 64 0.86 -39.07 7.08
N GLU B 65 1.67 -40.06 7.48
CA GLU B 65 1.38 -40.86 8.67
C GLU B 65 1.38 -39.99 9.93
N LYS B 66 2.38 -39.14 10.08
CA LYS B 66 2.50 -38.30 11.26
C LYS B 66 1.29 -37.39 11.42
N ILE B 67 0.80 -36.90 10.30
CA ILE B 67 -0.38 -36.04 10.32
C ILE B 67 -1.56 -36.84 10.86
N ALA B 68 -1.73 -38.04 10.35
CA ALA B 68 -2.85 -38.89 10.76
C ALA B 68 -2.83 -39.14 12.26
N GLU B 69 -1.66 -39.46 12.81
CA GLU B 69 -1.51 -39.69 14.26
C GLU B 69 -1.88 -38.45 15.07
N THR B 70 -1.30 -37.30 14.71
CA THR B 70 -1.62 -36.04 15.35
C THR B 70 -3.13 -35.76 15.39
N LEU B 71 -3.81 -35.95 14.25
CA LEU B 71 -5.26 -35.75 14.18
C LEU B 71 -6.02 -36.69 15.10
N LYS B 72 -5.58 -37.94 15.14
CA LYS B 72 -6.17 -38.99 16.00
C LYS B 72 -6.00 -38.61 17.47
N ALA B 73 -4.76 -38.31 17.82
CA ALA B 73 -4.38 -37.91 19.16
C ALA B 73 -5.12 -36.68 19.68
N ASN B 74 -5.67 -35.86 18.78
CA ASN B 74 -6.35 -34.64 19.17
C ASN B 74 -7.84 -34.72 18.88
N GLY B 75 -8.32 -35.92 18.61
CA GLY B 75 -9.75 -36.14 18.45
C GLY B 75 -10.37 -35.48 17.24
N VAL B 76 -9.56 -35.30 16.20
CA VAL B 76 -9.98 -34.64 14.97
C VAL B 76 -10.18 -35.66 13.87
N GLU B 77 -11.37 -35.67 13.28
CA GLU B 77 -11.66 -36.58 12.17
C GLU B 77 -11.02 -36.06 10.92
N GLY B 78 -10.45 -36.98 10.14
CA GLY B 78 -9.83 -36.61 8.87
C GLY B 78 -8.88 -37.65 8.29
N ALA B 79 -7.75 -37.17 7.77
CA ALA B 79 -6.73 -38.02 7.17
C ALA B 79 -5.46 -37.24 6.91
N GLY B 80 -4.35 -37.96 6.75
CA GLY B 80 -3.11 -37.39 6.20
C GLY B 80 -2.88 -38.00 4.82
N LEU B 81 -2.48 -37.17 3.85
CA LEU B 81 -2.27 -37.62 2.45
C LEU B 81 -0.97 -37.12 1.90
N VAL B 82 -0.48 -37.84 0.91
CA VAL B 82 0.67 -37.38 0.16
C VAL B 82 0.17 -36.52 -1.00
N LEU B 83 0.75 -35.32 -1.10
CA LEU B 83 0.37 -34.37 -2.12
C LEU B 83 1.60 -33.61 -2.54
N ASP B 84 1.83 -33.54 -3.83
CA ASP B 84 2.89 -32.68 -4.36
C ASP B 84 2.21 -31.56 -5.19
N VAL B 85 2.14 -30.33 -4.63
CA VAL B 85 1.38 -29.24 -5.29
C VAL B 85 2.01 -28.72 -6.56
N SER B 86 3.23 -29.18 -6.87
CA SER B 86 3.93 -28.80 -8.10
C SER B 86 3.54 -29.68 -9.29
N SER B 87 2.82 -30.78 -9.03
CA SER B 87 2.41 -31.76 -10.04
C SER B 87 0.89 -31.80 -10.27
N ASP B 88 0.47 -31.58 -11.50
CA ASP B 88 -0.94 -31.67 -11.88
C ASP B 88 -1.54 -33.06 -11.59
N GLU B 89 -0.72 -34.08 -11.79
CA GLU B 89 -1.12 -35.46 -11.58
C GLU B 89 -1.38 -35.71 -10.09
N SER B 90 -0.43 -35.30 -9.24
CA SER B 90 -0.60 -35.40 -7.79
C SER B 90 -1.88 -34.68 -7.30
N VAL B 91 -2.07 -33.43 -7.75
CA VAL B 91 -3.26 -32.63 -7.41
C VAL B 91 -4.57 -33.30 -7.86
N ALA B 92 -4.62 -33.75 -9.12
CA ALA B 92 -5.83 -34.40 -9.66
C ALA B 92 -6.17 -35.64 -8.89
N ALA B 93 -5.18 -36.51 -8.75
CA ALA B 93 -5.38 -37.80 -8.10
C ALA B 93 -5.83 -37.61 -6.67
N THR B 94 -5.08 -36.82 -5.91
CA THR B 94 -5.39 -36.56 -4.50
C THR B 94 -6.80 -36.04 -4.36
N LEU B 95 -7.16 -35.07 -5.18
CA LEU B 95 -8.47 -34.45 -5.05
C LEU B 95 -9.56 -35.46 -5.28
N GLU B 96 -9.33 -36.35 -6.23
CA GLU B 96 -10.30 -37.35 -6.58
C GLU B 96 -10.47 -38.34 -5.45
N HIS B 97 -9.34 -38.73 -4.88
CA HIS B 97 -9.30 -39.57 -3.68
C HIS B 97 -10.12 -38.99 -2.54
N ILE B 98 -9.95 -37.68 -2.28
CA ILE B 98 -10.71 -36.99 -1.24
C ILE B 98 -12.20 -36.99 -1.55
N GLN B 99 -12.55 -36.75 -2.81
CA GLN B 99 -13.96 -36.67 -3.23
C GLN B 99 -14.69 -37.97 -3.03
N GLN B 100 -14.06 -39.08 -3.40
CA GLN B 100 -14.68 -40.40 -3.26
C GLN B 100 -14.87 -40.81 -1.80
N HIS B 101 -13.83 -40.65 -0.98
CA HIS B 101 -13.84 -41.17 0.39
C HIS B 101 -14.44 -40.24 1.44
N LEU B 102 -14.15 -38.94 1.35
CA LEU B 102 -14.52 -37.98 2.40
C LEU B 102 -15.53 -36.93 2.03
N GLY B 103 -15.53 -36.51 0.76
CA GLY B 103 -16.39 -35.42 0.35
C GLY B 103 -15.56 -34.33 -0.29
N GLN B 104 -16.21 -33.20 -0.53
CA GLN B 104 -15.63 -32.10 -1.32
C GLN B 104 -15.04 -31.06 -0.37
N PRO B 105 -13.73 -30.75 -0.48
CA PRO B 105 -13.16 -29.75 0.43
C PRO B 105 -13.62 -28.35 0.06
N LEU B 106 -14.25 -27.65 1.00
CA LEU B 106 -14.75 -26.29 0.78
C LEU B 106 -13.93 -25.26 1.55
N ILE B 107 -13.07 -25.74 2.44
CA ILE B 107 -12.08 -24.92 3.04
C ILE B 107 -10.74 -25.46 2.58
N VAL B 108 -9.94 -24.62 1.93
CA VAL B 108 -8.62 -25.02 1.48
C VAL B 108 -7.61 -24.03 1.97
N VAL B 109 -6.58 -24.53 2.63
CA VAL B 109 -5.54 -23.70 3.16
C VAL B 109 -4.18 -24.07 2.54
N ASN B 110 -3.62 -23.15 1.77
N ASN B 110 -3.61 -23.14 1.80
CA ASN B 110 -2.34 -23.40 1.15
CA ASN B 110 -2.35 -23.36 1.12
C ASN B 110 -1.19 -22.93 2.00
C ASN B 110 -1.19 -22.92 1.98
N ASN B 111 -0.48 -23.89 2.56
CA ASN B 111 0.72 -23.62 3.33
C ASN B 111 1.95 -24.35 2.79
N ALA B 112 1.75 -25.28 1.86
CA ALA B 112 2.87 -25.97 1.20
C ALA B 112 3.58 -25.04 0.23
N GLY B 113 4.88 -24.86 0.44
CA GLY B 113 5.77 -24.13 -0.51
C GLY B 113 6.69 -25.05 -1.31
N ILE B 114 7.65 -24.44 -1.99
CA ILE B 114 8.56 -25.16 -2.90
C ILE B 114 9.96 -24.52 -2.83
N THR B 115 10.99 -25.32 -3.11
CA THR B 115 12.44 -24.93 -3.09
C THR B 115 13.03 -24.81 -4.53
N ASP B 126 19.70 -14.44 -6.60
CA ASP B 126 19.17 -14.74 -7.93
C ASP B 126 18.24 -15.99 -8.01
N GLU B 127 17.91 -16.54 -6.84
CA GLU B 127 16.85 -17.55 -6.66
C GLU B 127 15.50 -16.90 -6.36
N TRP B 128 15.52 -15.57 -6.28
CA TRP B 128 14.37 -14.79 -5.77
C TRP B 128 13.11 -14.95 -6.62
N PHE B 129 13.24 -14.95 -7.95
CA PHE B 129 12.12 -14.96 -8.89
C PHE B 129 11.52 -16.33 -9.02
N ASP B 130 12.37 -17.34 -9.20
CA ASP B 130 11.89 -18.72 -9.39
C ASP B 130 11.07 -19.22 -8.20
N VAL B 131 11.51 -18.89 -6.98
CA VAL B 131 10.75 -19.27 -5.78
C VAL B 131 9.32 -18.74 -5.82
N VAL B 132 9.20 -17.42 -5.93
CA VAL B 132 7.90 -16.75 -5.92
C VAL B 132 7.05 -17.22 -7.10
N ASN B 133 7.66 -17.29 -8.29
CA ASN B 133 6.96 -17.70 -9.50
C ASN B 133 6.48 -19.13 -9.45
N THR B 134 7.32 -20.01 -8.95
CA THR B 134 6.93 -21.39 -8.73
C THR B 134 5.78 -21.53 -7.72
N ASN B 135 5.88 -20.85 -6.58
CA ASN B 135 4.83 -20.91 -5.57
C ASN B 135 3.47 -20.46 -6.13
N LEU B 136 3.46 -19.32 -6.83
CA LEU B 136 2.19 -18.77 -7.32
C LEU B 136 1.54 -19.65 -8.38
N ASN B 137 2.37 -20.30 -9.21
CA ASN B 137 1.88 -21.33 -10.11
C ASN B 137 1.26 -22.51 -9.38
N SER B 138 1.82 -22.90 -8.26
CA SER B 138 1.24 -23.98 -7.44
C SER B 138 -0.06 -23.54 -6.80
N LEU B 139 -0.08 -22.33 -6.28
CA LEU B 139 -1.32 -21.77 -5.74
C LEU B 139 -2.41 -21.84 -6.77
N TYR B 140 -2.12 -21.40 -7.99
CA TYR B 140 -3.10 -21.38 -9.06
C TYR B 140 -3.58 -22.77 -9.46
N ARG B 141 -2.64 -23.68 -9.67
CA ARG B 141 -2.94 -25.08 -9.97
C ARG B 141 -3.93 -25.69 -8.98
N LEU B 142 -3.61 -25.59 -7.68
CA LEU B 142 -4.44 -26.16 -6.66
C LEU B 142 -5.77 -25.42 -6.56
N SER B 143 -5.70 -24.11 -6.58
CA SER B 143 -6.89 -23.26 -6.44
C SER B 143 -7.92 -23.60 -7.49
N LYS B 144 -7.48 -23.62 -8.74
CA LYS B 144 -8.35 -23.99 -9.86
C LYS B 144 -9.04 -25.32 -9.68
N ALA B 145 -8.31 -26.32 -9.19
CA ALA B 145 -8.82 -27.66 -9.12
C ALA B 145 -9.95 -27.77 -8.11
N VAL B 146 -9.79 -27.15 -6.94
CA VAL B 146 -10.79 -27.23 -5.87
C VAL B 146 -12.00 -26.33 -6.12
N LEU B 147 -11.94 -25.48 -7.14
CA LEU B 147 -12.99 -24.50 -7.38
C LEU B 147 -14.24 -25.13 -7.97
N ARG B 148 -14.12 -26.28 -8.64
CA ARG B 148 -15.32 -26.88 -9.20
C ARG B 148 -16.27 -27.28 -8.10
N GLY B 149 -15.72 -27.88 -7.05
CA GLY B 149 -16.51 -28.28 -5.90
C GLY B 149 -17.12 -27.12 -5.12
N MET B 150 -16.37 -26.02 -5.01
CA MET B 150 -16.83 -24.84 -4.26
C MET B 150 -17.93 -24.14 -5.04
N THR B 151 -17.71 -24.05 -6.35
CA THR B 151 -18.69 -23.50 -7.30
C THR B 151 -19.99 -24.28 -7.13
N LYS B 152 -19.89 -25.60 -7.22
CA LYS B 152 -21.03 -26.53 -7.01
C LYS B 152 -21.88 -26.25 -5.78
N ALA B 153 -21.20 -26.03 -4.68
CA ALA B 153 -21.84 -25.77 -3.41
C ALA B 153 -22.20 -24.29 -3.22
N ARG B 154 -21.69 -23.42 -4.10
CA ARG B 154 -21.88 -21.99 -3.96
C ARG B 154 -21.45 -21.44 -2.59
N TRP B 155 -20.32 -21.94 -2.12
CA TRP B 155 -19.72 -21.45 -0.89
C TRP B 155 -18.27 -21.93 -0.86
N GLY B 156 -17.36 -21.12 -0.30
CA GLY B 156 -15.97 -21.53 -0.23
C GLY B 156 -15.04 -20.63 0.53
N ARG B 157 -13.91 -21.19 0.96
CA ARG B 157 -12.84 -20.44 1.59
C ARG B 157 -11.50 -20.96 1.08
N ILE B 158 -10.79 -20.11 0.39
CA ILE B 158 -9.41 -20.36 0.07
C ILE B 158 -8.58 -19.39 0.93
N ILE B 159 -7.57 -19.91 1.62
CA ILE B 159 -6.70 -19.09 2.43
C ILE B 159 -5.26 -19.49 2.14
N ASN B 160 -4.46 -18.49 1.80
CA ASN B 160 -3.07 -18.70 1.43
C ASN B 160 -2.13 -18.19 2.51
N ILE B 161 -1.21 -19.04 2.98
CA ILE B 161 -0.28 -18.62 4.00
C ILE B 161 1.01 -18.16 3.37
N GLY B 162 1.49 -16.99 3.76
CA GLY B 162 2.76 -16.48 3.26
C GLY B 162 3.95 -17.17 3.92
N SER B 163 5.16 -16.86 3.45
CA SER B 163 6.36 -17.41 4.05
C SER B 163 6.74 -16.65 5.32
N VAL B 164 7.21 -17.36 6.32
CA VAL B 164 7.69 -16.75 7.54
C VAL B 164 9.04 -16.14 7.19
N VAL B 165 9.26 -14.90 7.59
CA VAL B 165 10.56 -14.24 7.29
C VAL B 165 11.45 -15.04 6.33
N ALA B 171 19.17 -9.50 1.47
CA ALA B 171 18.74 -10.68 0.75
C ALA B 171 17.56 -11.40 1.41
N GLY B 172 17.48 -11.38 2.74
CA GLY B 172 16.36 -12.00 3.47
C GLY B 172 15.08 -11.18 3.37
N GLN B 173 15.24 -9.86 3.50
CA GLN B 173 14.16 -8.91 3.30
C GLN B 173 13.66 -8.89 1.86
N THR B 174 14.56 -9.04 0.88
CA THR B 174 14.19 -9.04 -0.55
C THR B 174 13.21 -10.19 -0.88
N ASN B 175 13.55 -11.39 -0.43
CA ASN B 175 12.76 -12.55 -0.76
C ASN B 175 11.45 -12.53 -0.05
N TYR B 176 11.47 -12.14 1.23
CA TYR B 176 10.27 -12.02 2.01
C TYR B 176 9.28 -11.01 1.41
N ALA B 177 9.77 -9.80 1.16
CA ALA B 177 8.92 -8.71 0.68
C ALA B 177 8.33 -9.01 -0.68
N ALA B 178 9.10 -9.72 -1.50
CA ALA B 178 8.65 -10.07 -2.81
C ALA B 178 7.56 -11.12 -2.73
N ALA B 179 7.80 -12.18 -1.95
CA ALA B 179 6.84 -13.26 -1.85
C ALA B 179 5.53 -12.73 -1.31
N LYS B 180 5.61 -11.74 -0.44
CA LYS B 180 4.44 -11.06 0.08
C LYS B 180 3.73 -10.23 -0.99
N ALA B 181 4.51 -9.49 -1.79
CA ALA B 181 3.93 -8.68 -2.86
C ALA B 181 3.18 -9.53 -3.86
N GLY B 182 3.74 -10.68 -4.22
CA GLY B 182 3.17 -11.55 -5.23
C GLY B 182 1.95 -12.28 -4.72
N LEU B 183 1.99 -12.68 -3.47
CA LEU B 183 0.84 -13.23 -2.80
C LEU B 183 -0.33 -12.21 -2.68
N GLU B 184 -0.03 -10.98 -2.26
CA GLU B 184 -1.06 -9.95 -2.11
C GLU B 184 -1.75 -9.72 -3.44
N GLY B 185 -0.97 -9.63 -4.50
CA GLY B 185 -1.55 -9.36 -5.81
C GLY B 185 -2.35 -10.54 -6.33
N PHE B 186 -1.76 -11.73 -6.18
CA PHE B 186 -2.43 -12.95 -6.58
C PHE B 186 -3.76 -13.15 -5.89
N THR B 187 -3.75 -13.00 -4.56
CA THR B 187 -4.90 -13.24 -3.72
C THR B 187 -6.02 -12.34 -4.11
N ARG B 188 -5.68 -11.09 -4.30
CA ARG B 188 -6.64 -10.09 -4.67
C ARG B 188 -7.34 -10.36 -5.99
N ALA B 189 -6.57 -10.81 -6.97
CA ALA B 189 -7.10 -11.04 -8.31
C ALA B 189 -8.03 -12.25 -8.31
N LEU B 190 -7.59 -13.34 -7.68
CA LEU B 190 -8.38 -14.56 -7.64
C LEU B 190 -9.70 -14.30 -6.94
N ALA B 191 -9.64 -13.56 -5.84
CA ALA B 191 -10.83 -13.14 -5.10
C ALA B 191 -11.82 -12.47 -6.02
N ARG B 192 -11.33 -11.67 -6.94
CA ARG B 192 -12.21 -10.98 -7.90
C ARG B 192 -12.86 -11.94 -8.89
N GLU B 193 -12.09 -12.89 -9.36
CA GLU B 193 -12.59 -13.86 -10.33
CA GLU B 193 -12.57 -13.87 -10.32
C GLU B 193 -13.69 -14.74 -9.76
N VAL B 194 -13.62 -15.09 -8.47
CA VAL B 194 -14.54 -16.09 -7.90
C VAL B 194 -15.61 -15.55 -6.94
N GLY B 195 -15.65 -14.23 -6.75
CA GLY B 195 -16.51 -13.61 -5.74
C GLY B 195 -18.01 -13.82 -5.93
N SER B 196 -18.45 -13.74 -7.18
CA SER B 196 -19.87 -13.90 -7.48
C SER B 196 -20.43 -15.20 -6.93
N ARG B 197 -19.55 -16.18 -6.77
CA ARG B 197 -19.94 -17.53 -6.32
C ARG B 197 -19.95 -17.73 -4.81
N ALA B 198 -19.80 -16.65 -4.04
CA ALA B 198 -19.77 -16.72 -2.58
C ALA B 198 -18.55 -17.51 -2.06
N ILE B 199 -17.40 -17.27 -2.69
CA ILE B 199 -16.14 -17.88 -2.32
C ILE B 199 -15.16 -16.78 -1.96
N THR B 200 -14.69 -16.77 -0.72
CA THR B 200 -13.68 -15.78 -0.33
C THR B 200 -12.30 -16.32 -0.52
N VAL B 201 -11.39 -15.42 -0.86
CA VAL B 201 -10.01 -15.75 -1.10
C VAL B 201 -9.18 -14.70 -0.36
N ASN B 202 -8.36 -15.17 0.58
CA ASN B 202 -7.60 -14.29 1.48
C ASN B 202 -6.24 -14.90 1.76
N ALA B 203 -5.40 -14.09 2.37
CA ALA B 203 -4.07 -14.49 2.72
C ALA B 203 -3.76 -14.09 4.15
N VAL B 204 -2.77 -14.76 4.71
CA VAL B 204 -2.26 -14.43 6.00
C VAL B 204 -0.76 -14.31 5.82
N ALA B 205 -0.22 -13.19 6.28
CA ALA B 205 1.17 -12.88 6.10
C ALA B 205 1.84 -12.93 7.45
N PRO B 206 2.42 -14.09 7.82
CA PRO B 206 3.17 -14.14 9.06
C PRO B 206 4.41 -13.31 9.05
N GLY B 207 4.75 -12.78 10.23
CA GLY B 207 6.02 -12.09 10.47
C GLY B 207 6.97 -13.14 11.03
N PHE B 208 7.54 -12.85 12.19
CA PHE B 208 8.48 -13.76 12.82
C PHE B 208 7.80 -14.70 13.76
N ILE B 209 7.74 -15.95 13.36
CA ILE B 209 7.03 -16.94 14.13
C ILE B 209 7.99 -17.88 14.81
N ASP B 210 7.60 -18.35 15.99
CA ASP B 210 8.38 -19.34 16.72
C ASP B 210 8.18 -20.71 16.09
N THR B 211 9.18 -21.13 15.33
CA THR B 211 9.17 -22.41 14.59
C THR B 211 10.59 -22.99 14.53
N ASP B 212 10.77 -24.11 13.82
CA ASP B 212 12.09 -24.74 13.70
C ASP B 212 13.18 -23.88 13.11
N MET B 213 12.84 -23.01 12.17
CA MET B 213 13.88 -22.11 11.64
C MET B 213 14.37 -21.11 12.69
N THR B 214 13.47 -20.61 13.54
CA THR B 214 13.80 -19.50 14.46
C THR B 214 14.43 -19.97 15.77
N ARG B 215 14.21 -21.24 16.10
CA ARG B 215 14.83 -21.90 17.27
C ARG B 215 16.36 -21.93 17.27
N GLU B 216 16.97 -21.70 16.10
CA GLU B 216 18.41 -21.77 15.98
C GLU B 216 19.05 -20.48 15.44
N LEU B 217 18.60 -19.33 15.94
CA LEU B 217 19.28 -18.06 15.74
C LEU B 217 20.21 -17.66 16.91
N PRO B 218 21.39 -17.08 16.61
CA PRO B 218 22.22 -16.57 17.73
C PRO B 218 21.54 -15.50 18.59
N GLU B 219 21.85 -15.46 19.88
CA GLU B 219 21.29 -14.46 20.80
C GLU B 219 21.46 -13.03 20.26
N ALA B 220 22.66 -12.67 19.80
CA ALA B 220 22.89 -11.33 19.20
C ALA B 220 21.85 -10.95 18.15
N GLN B 221 21.60 -11.86 17.21
CA GLN B 221 20.66 -11.61 16.14
C GLN B 221 19.21 -11.74 16.60
N ARG B 222 18.92 -12.68 17.49
CA ARG B 222 17.62 -12.78 18.13
C ARG B 222 17.18 -11.49 18.77
N GLU B 223 18.02 -10.95 19.64
CA GLU B 223 17.72 -9.73 20.36
C GLU B 223 17.48 -8.55 19.41
N ALA B 224 18.30 -8.45 18.37
CA ALA B 224 18.13 -7.42 17.35
C ALA B 224 16.77 -7.52 16.67
N LEU B 225 16.36 -8.75 16.42
CA LEU B 225 15.11 -9.04 15.74
C LEU B 225 13.88 -8.72 16.60
N LEU B 226 13.91 -9.15 17.85
CA LEU B 226 12.88 -8.80 18.81
C LEU B 226 12.74 -7.28 18.93
N GLY B 227 13.85 -6.57 18.80
CA GLY B 227 13.85 -5.11 18.93
C GLY B 227 13.14 -4.38 17.80
N GLN B 228 12.79 -5.09 16.74
CA GLN B 228 12.07 -4.52 15.62
C GLN B 228 10.60 -4.93 15.59
N ILE B 229 10.19 -5.67 16.61
CA ILE B 229 8.85 -6.12 16.76
C ILE B 229 8.20 -5.43 17.98
N PRO B 230 7.30 -4.46 17.73
CA PRO B 230 6.61 -3.72 18.79
C PRO B 230 6.12 -4.58 19.97
N LEU B 231 5.55 -5.74 19.72
CA LEU B 231 5.16 -6.65 20.80
C LEU B 231 6.35 -7.27 21.55
N GLY B 232 7.56 -7.13 21.01
CA GLY B 232 8.76 -7.63 21.70
C GLY B 232 8.92 -9.14 21.81
N ARG B 233 8.20 -9.89 20.98
CA ARG B 233 8.25 -11.35 21.04
C ARG B 233 7.97 -11.97 19.69
N LEU B 234 8.39 -13.22 19.54
CA LEU B 234 8.03 -14.03 18.37
C LEU B 234 6.56 -14.36 18.43
N GLY B 235 5.95 -14.55 17.27
CA GLY B 235 4.60 -15.06 17.22
C GLY B 235 4.61 -16.56 17.46
N GLN B 236 3.49 -17.08 17.95
CA GLN B 236 3.28 -18.52 18.01
C GLN B 236 2.55 -19.03 16.76
N ALA B 237 2.83 -20.27 16.39
CA ALA B 237 2.08 -20.92 15.30
C ALA B 237 0.57 -20.89 15.53
N GLU B 238 0.14 -21.09 16.77
CA GLU B 238 -1.30 -21.04 17.13
C GLU B 238 -1.95 -19.69 16.80
N GLU B 239 -1.15 -18.62 16.87
CA GLU B 239 -1.66 -17.27 16.64
C GLU B 239 -1.94 -17.00 15.16
N ILE B 240 -1.25 -17.73 14.30
CA ILE B 240 -1.55 -17.71 12.87
C ILE B 240 -2.81 -18.52 12.64
N ALA B 241 -2.85 -19.69 13.26
CA ALA B 241 -3.98 -20.61 13.14
C ALA B 241 -5.31 -19.97 13.53
N LYS B 242 -5.30 -19.15 14.56
CA LYS B 242 -6.54 -18.49 14.98
C LYS B 242 -7.06 -17.57 13.89
N VAL B 243 -6.16 -16.84 13.21
CA VAL B 243 -6.56 -15.90 12.16
C VAL B 243 -7.18 -16.67 11.00
N VAL B 244 -6.60 -17.81 10.70
CA VAL B 244 -7.06 -18.65 9.62
C VAL B 244 -8.43 -19.18 9.97
N GLY B 245 -8.60 -19.57 11.22
CA GLY B 245 -9.86 -20.13 11.68
C GLY B 245 -11.01 -19.12 11.56
N PHE B 246 -10.71 -17.85 11.78
CA PHE B 246 -11.71 -16.81 11.66
C PHE B 246 -12.08 -16.56 10.18
N LEU B 247 -11.06 -16.45 9.32
CA LEU B 247 -11.28 -16.23 7.88
C LEU B 247 -12.12 -17.35 7.28
N ALA B 248 -12.03 -18.56 7.84
CA ALA B 248 -12.86 -19.69 7.44
C ALA B 248 -14.30 -19.67 7.93
N SER B 249 -14.58 -18.93 9.00
CA SER B 249 -15.95 -18.83 9.57
C SER B 249 -16.93 -18.06 8.69
N ASP B 250 -18.20 -18.10 9.06
CA ASP B 250 -19.24 -17.31 8.38
C ASP B 250 -19.14 -15.82 8.68
N GLY B 251 -18.52 -15.47 9.78
CA GLY B 251 -18.37 -14.08 10.17
C GLY B 251 -17.40 -13.30 9.29
N ALA B 252 -16.44 -14.02 8.69
CA ALA B 252 -15.52 -13.40 7.75
C ALA B 252 -16.04 -13.45 6.31
N ALA B 253 -17.35 -13.53 6.14
CA ALA B 253 -17.92 -13.73 4.81
C ALA B 253 -17.78 -12.50 3.90
N TYR B 254 -17.63 -11.32 4.47
CA TYR B 254 -17.49 -10.11 3.63
C TYR B 254 -16.02 -9.74 3.41
N VAL B 255 -15.12 -10.58 3.96
CA VAL B 255 -13.69 -10.32 3.82
C VAL B 255 -13.22 -11.15 2.65
N THR B 256 -12.80 -10.49 1.59
CA THR B 256 -12.19 -11.21 0.48
C THR B 256 -11.15 -10.33 -0.23
N GLY B 257 -10.06 -10.97 -0.66
CA GLY B 257 -8.94 -10.29 -1.31
C GLY B 257 -7.97 -9.67 -0.33
N ALA B 258 -8.13 -9.98 0.94
CA ALA B 258 -7.37 -9.31 1.96
C ALA B 258 -6.13 -10.12 2.25
N THR B 259 -5.06 -9.43 2.60
CA THR B 259 -3.92 -10.08 3.22
C THR B 259 -3.77 -9.57 4.66
N VAL B 260 -4.17 -10.40 5.63
CA VAL B 260 -4.08 -10.07 7.04
C VAL B 260 -2.65 -10.30 7.54
N PRO B 261 -1.95 -9.21 7.93
CA PRO B 261 -0.58 -9.38 8.43
C PRO B 261 -0.64 -9.76 9.90
N VAL B 262 0.16 -10.75 10.26
CA VAL B 262 0.21 -11.27 11.62
C VAL B 262 1.67 -11.31 12.05
N ASN B 263 2.15 -10.15 12.48
CA ASN B 263 3.58 -9.91 12.65
C ASN B 263 3.97 -9.03 13.85
N GLY B 264 3.04 -8.84 14.80
CA GLY B 264 3.35 -8.15 16.05
C GLY B 264 3.76 -6.72 15.85
N GLY B 265 3.39 -6.15 14.72
CA GLY B 265 3.64 -4.75 14.45
C GLY B 265 4.85 -4.44 13.60
N MET B 266 5.58 -5.47 13.19
CA MET B 266 6.78 -5.31 12.36
C MET B 266 6.49 -5.45 10.85
N TYR B 267 6.56 -4.34 10.12
CA TYR B 267 6.21 -4.33 8.70
C TYR B 267 7.38 -4.08 7.73
N MET B 268 7.83 -5.14 7.06
CA MET B 268 8.82 -5.04 6.00
C MET B 268 8.15 -5.06 4.62
N SER B 269 8.40 -4.04 3.82
CA SER B 269 8.01 -4.01 2.40
C SER B 269 9.27 -3.80 1.56
N HIS C 2 -34.61 16.39 33.77
CA HIS C 2 -33.89 17.05 32.64
C HIS C 2 -32.88 16.03 32.13
N HIS C 3 -32.45 16.13 30.88
CA HIS C 3 -31.53 15.14 30.28
C HIS C 3 -30.68 14.39 31.33
N HIS C 4 -30.86 13.06 31.46
CA HIS C 4 -29.90 12.19 32.18
C HIS C 4 -29.00 11.59 31.14
N HIS C 5 -27.70 11.79 31.30
CA HIS C 5 -26.73 11.48 30.28
C HIS C 5 -25.97 10.17 30.59
N HIS C 6 -26.42 9.41 31.59
CA HIS C 6 -25.74 8.17 31.98
C HIS C 6 -26.83 7.12 32.31
N HIS C 7 -26.91 6.07 31.48
CA HIS C 7 -28.08 5.14 31.52
C HIS C 7 -27.67 3.64 31.53
N SER C 8 -27.90 2.97 32.65
CA SER C 8 -27.39 1.61 32.84
C SER C 8 -28.17 0.49 32.12
N SER C 9 -27.68 -0.73 32.32
CA SER C 9 -28.28 -1.95 31.78
C SER C 9 -28.44 -1.90 30.26
N ASN C 17 -28.01 -17.12 35.03
CA ASN C 17 -27.28 -18.38 35.03
C ASN C 17 -27.47 -19.14 33.72
N LEU C 18 -27.25 -18.40 32.63
CA LEU C 18 -27.14 -18.96 31.31
C LEU C 18 -25.81 -18.50 30.71
N TYR C 19 -24.96 -19.48 30.44
CA TYR C 19 -23.56 -19.33 30.09
C TYR C 19 -23.32 -19.73 28.65
N PHE C 20 -23.29 -18.75 27.77
CA PHE C 20 -23.09 -19.06 26.36
C PHE C 20 -21.63 -19.31 26.09
N GLN C 21 -21.39 -20.21 25.14
CA GLN C 21 -20.04 -20.62 24.78
C GLN C 21 -19.30 -19.54 23.98
N SER C 22 -20.03 -18.54 23.53
CA SER C 22 -19.40 -17.42 22.84
C SER C 22 -18.71 -16.47 23.83
N MET C 23 -18.93 -16.61 25.15
CA MET C 23 -18.54 -15.56 26.07
C MET C 23 -17.04 -15.61 26.47
N SER C 24 -16.21 -15.21 25.51
CA SER C 24 -14.75 -15.13 25.60
C SER C 24 -14.20 -13.89 26.31
N LEU C 25 -14.90 -12.76 26.21
CA LEU C 25 -14.40 -11.44 26.70
C LEU C 25 -14.71 -11.17 28.16
N GLN C 26 -14.83 -12.26 28.92
CA GLN C 26 -14.56 -12.34 30.40
C GLN C 26 -14.72 -11.08 31.25
N GLY C 27 -15.96 -10.66 31.40
CA GLY C 27 -16.23 -9.44 32.14
C GLY C 27 -15.59 -8.13 31.66
N LYS C 28 -14.63 -8.22 30.70
CA LYS C 28 -13.77 -7.08 30.32
C LYS C 28 -14.73 -6.03 29.92
N VAL C 29 -14.26 -4.82 30.06
CA VAL C 29 -15.08 -3.67 29.76
C VAL C 29 -14.69 -3.12 28.41
N ALA C 30 -15.66 -3.04 27.52
CA ALA C 30 -15.41 -2.51 26.20
C ALA C 30 -16.12 -1.18 26.08
N LEU C 31 -15.47 -0.25 25.41
CA LEU C 31 -16.05 1.05 25.12
C LEU C 31 -16.20 1.15 23.62
N VAL C 32 -17.41 1.38 23.15
CA VAL C 32 -17.69 1.51 21.74
C VAL C 32 -18.29 2.87 21.51
N THR C 33 -17.59 3.74 20.78
CA THR C 33 -18.08 5.10 20.52
C THR C 33 -19.02 5.06 19.34
N GLY C 34 -20.03 5.93 19.36
CA GLY C 34 -20.99 6.04 18.25
C GLY C 34 -21.75 4.75 18.01
N ALA C 35 -22.46 4.31 19.04
CA ALA C 35 -23.06 2.98 19.09
C ALA C 35 -24.55 2.97 19.02
N SER C 36 -25.15 4.08 18.58
CA SER C 36 -26.61 4.22 18.58
C SER C 36 -27.23 3.62 17.33
N ARG C 37 -26.45 3.45 16.27
CA ARG C 37 -26.99 2.90 15.05
C ARG C 37 -25.96 2.19 14.20
N GLY C 38 -26.43 1.51 13.17
CA GLY C 38 -25.60 0.85 12.18
C GLY C 38 -24.46 0.05 12.75
N ILE C 39 -23.27 0.29 12.19
CA ILE C 39 -22.08 -0.46 12.48
C ILE C 39 -21.71 -0.35 13.96
N GLY C 40 -21.86 0.83 14.54
CA GLY C 40 -21.54 1.01 15.96
C GLY C 40 -22.42 0.15 16.84
N GLN C 41 -23.73 0.17 16.55
CA GLN C 41 -24.68 -0.66 17.29
C GLN C 41 -24.34 -2.15 17.14
N ALA C 42 -24.00 -2.55 15.92
CA ALA C 42 -23.68 -3.94 15.61
C ALA C 42 -22.44 -4.42 16.38
N ILE C 43 -21.45 -3.53 16.48
CA ILE C 43 -20.22 -3.80 17.23
C ILE C 43 -20.50 -3.95 18.72
N ALA C 44 -21.36 -3.08 19.24
CA ALA C 44 -21.71 -3.15 20.68
C ALA C 44 -22.38 -4.46 21.05
N LEU C 45 -23.23 -4.97 20.17
CA LEU C 45 -23.97 -6.22 20.43
C LEU C 45 -23.05 -7.42 20.27
N GLU C 46 -22.15 -7.34 19.30
CA GLU C 46 -21.21 -8.42 19.07
C GLU C 46 -20.30 -8.58 20.26
N LEU C 47 -19.74 -7.48 20.75
CA LEU C 47 -18.87 -7.55 21.93
C LEU C 47 -19.64 -8.02 23.15
N GLY C 48 -20.89 -7.56 23.29
CA GLY C 48 -21.75 -8.02 24.37
C GLY C 48 -21.95 -9.52 24.29
N ARG C 49 -22.28 -10.00 23.09
CA ARG C 49 -22.47 -11.42 22.84
C ARG C 49 -21.24 -12.26 23.21
N LEU C 50 -20.06 -11.71 23.01
CA LEU C 50 -18.81 -12.38 23.40
C LEU C 50 -18.45 -12.25 24.87
N GLY C 51 -19.29 -11.56 25.64
CA GLY C 51 -19.19 -11.60 27.10
C GLY C 51 -18.65 -10.36 27.76
N ALA C 52 -18.36 -9.33 26.98
CA ALA C 52 -17.86 -8.10 27.52
C ALA C 52 -19.00 -7.33 28.18
N VAL C 53 -18.63 -6.46 29.12
CA VAL C 53 -19.52 -5.44 29.64
C VAL C 53 -19.32 -4.23 28.74
N VAL C 54 -20.38 -3.83 28.06
CA VAL C 54 -20.26 -2.84 26.99
C VAL C 54 -20.77 -1.45 27.36
N ILE C 55 -19.96 -0.45 27.08
CA ILE C 55 -20.34 0.95 27.25
C ILE C 55 -20.37 1.55 25.85
N GLY C 56 -21.56 1.90 25.39
CA GLY C 56 -21.72 2.53 24.11
C GLY C 56 -22.02 4.01 24.27
N THR C 57 -21.45 4.85 23.42
CA THR C 57 -21.64 6.28 23.52
C THR C 57 -22.35 6.87 22.29
N ALA C 58 -23.09 7.95 22.55
CA ALA C 58 -23.63 8.85 21.55
C ALA C 58 -23.37 10.27 22.06
N THR C 59 -23.72 11.26 21.25
CA THR C 59 -23.43 12.67 21.59
C THR C 59 -24.59 13.34 22.32
N SER C 60 -25.78 12.78 22.15
CA SER C 60 -27.01 13.28 22.79
C SER C 60 -27.48 12.34 23.89
N ALA C 61 -28.26 12.86 24.82
CA ALA C 61 -28.85 12.04 25.87
C ALA C 61 -29.93 11.07 25.33
N SER C 62 -30.66 11.48 24.29
CA SER C 62 -31.64 10.58 23.69
C SER C 62 -30.95 9.35 23.12
N GLY C 63 -29.83 9.56 22.42
CA GLY C 63 -29.02 8.47 21.88
C GLY C 63 -28.37 7.59 22.94
N ALA C 64 -27.96 8.18 24.05
CA ALA C 64 -27.42 7.41 25.17
C ALA C 64 -28.50 6.48 25.76
N GLU C 65 -29.72 6.99 25.88
CA GLU C 65 -30.85 6.18 26.34
C GLU C 65 -31.19 5.06 25.39
N LYS C 66 -31.21 5.34 24.10
CA LYS C 66 -31.49 4.31 23.08
C LYS C 66 -30.47 3.17 23.12
N ILE C 67 -29.21 3.51 23.34
CA ILE C 67 -28.17 2.51 23.48
C ILE C 67 -28.48 1.62 24.68
N ALA C 68 -28.81 2.25 25.81
CA ALA C 68 -29.11 1.50 27.03
C ALA C 68 -30.25 0.50 26.81
N GLU C 69 -31.32 0.95 26.15
CA GLU C 69 -32.46 0.08 25.85
C GLU C 69 -32.05 -1.12 24.96
N THR C 70 -31.36 -0.84 23.84
CA THR C 70 -30.84 -1.89 22.98
C THR C 70 -30.02 -2.94 23.74
N LEU C 71 -29.12 -2.48 24.60
CA LEU C 71 -28.29 -3.40 25.42
C LEU C 71 -29.15 -4.25 26.34
N LYS C 72 -30.16 -3.64 26.96
CA LYS C 72 -31.11 -4.33 27.86
C LYS C 72 -31.90 -5.39 27.11
N ALA C 73 -32.50 -4.97 26.01
CA ALA C 73 -33.26 -5.79 25.11
C ALA C 73 -32.48 -6.96 24.52
N ASN C 74 -31.15 -6.91 24.56
CA ASN C 74 -30.30 -8.02 24.05
C ASN C 74 -29.50 -8.70 25.15
N GLY C 75 -29.87 -8.45 26.40
CA GLY C 75 -29.28 -9.16 27.52
C GLY C 75 -27.81 -8.86 27.73
N VAL C 76 -27.39 -7.67 27.32
CA VAL C 76 -26.00 -7.26 27.42
C VAL C 76 -25.84 -6.28 28.59
N GLU C 77 -24.92 -6.60 29.49
CA GLU C 77 -24.64 -5.75 30.60
C GLU C 77 -23.81 -4.54 30.12
N GLY C 78 -24.14 -3.36 30.63
CA GLY C 78 -23.37 -2.17 30.31
C GLY C 78 -24.10 -0.87 30.58
N ALA C 79 -23.97 0.07 29.64
CA ALA C 79 -24.53 1.40 29.77
C ALA C 79 -24.45 2.14 28.45
N GLY C 80 -25.28 3.15 28.31
CA GLY C 80 -25.12 4.15 27.26
C GLY C 80 -24.66 5.44 27.93
N LEU C 81 -23.71 6.15 27.32
CA LEU C 81 -23.21 7.43 27.85
C LEU C 81 -23.15 8.51 26.79
N VAL C 82 -23.17 9.74 27.25
CA VAL C 82 -22.90 10.87 26.41
C VAL C 82 -21.39 11.14 26.36
N LEU C 83 -20.84 11.21 25.14
CA LEU C 83 -19.43 11.42 24.93
C LEU C 83 -19.25 12.26 23.69
N ASP C 84 -18.46 13.33 23.81
CA ASP C 84 -18.06 14.11 22.66
C ASP C 84 -16.54 13.94 22.46
N VAL C 85 -16.13 13.14 21.46
CA VAL C 85 -14.70 12.81 21.28
C VAL C 85 -13.85 13.98 20.80
N SER C 86 -14.47 15.09 20.47
CA SER C 86 -13.76 16.28 20.01
C SER C 86 -13.33 17.14 21.19
N SER C 87 -13.85 16.83 22.36
CA SER C 87 -13.60 17.60 23.59
C SER C 87 -12.77 16.83 24.63
N ASP C 88 -11.63 17.40 25.02
CA ASP C 88 -10.80 16.83 26.08
C ASP C 88 -11.56 16.68 27.43
N GLU C 89 -12.43 17.64 27.71
CA GLU C 89 -13.23 17.65 28.95
C GLU C 89 -14.23 16.48 28.94
N SER C 90 -14.95 16.33 27.82
CA SER C 90 -15.91 15.22 27.63
C SER C 90 -15.22 13.86 27.79
N VAL C 91 -14.06 13.69 27.12
CA VAL C 91 -13.25 12.47 27.21
C VAL C 91 -12.76 12.18 28.62
N ALA C 92 -12.18 13.18 29.30
CA ALA C 92 -11.72 13.02 30.69
C ALA C 92 -12.85 12.64 31.63
N ALA C 93 -13.93 13.42 31.61
CA ALA C 93 -15.04 13.22 32.51
C ALA C 93 -15.68 11.86 32.32
N THR C 94 -16.02 11.56 31.09
CA THR C 94 -16.66 10.29 30.75
C THR C 94 -15.78 9.15 31.26
N LEU C 95 -14.50 9.23 30.96
CA LEU C 95 -13.61 8.14 31.23
C LEU C 95 -13.44 7.94 32.75
N GLU C 96 -13.53 9.02 33.51
CA GLU C 96 -13.51 8.95 34.95
C GLU C 96 -14.79 8.34 35.48
N HIS C 97 -15.91 8.75 34.92
CA HIS C 97 -17.20 8.14 35.21
C HIS C 97 -17.19 6.64 35.04
N ILE C 98 -16.67 6.18 33.92
CA ILE C 98 -16.60 4.76 33.63
C ILE C 98 -15.73 4.05 34.67
N GLN C 99 -14.60 4.67 35.02
CA GLN C 99 -13.65 4.07 35.96
C GLN C 99 -14.27 3.86 37.33
N GLN C 100 -15.02 4.85 37.80
CA GLN C 100 -15.62 4.78 39.12
C GLN C 100 -16.73 3.75 39.22
N HIS C 101 -17.64 3.76 38.24
CA HIS C 101 -18.83 2.92 38.28
C HIS C 101 -18.66 1.50 37.72
N LEU C 102 -17.95 1.34 36.59
CA LEU C 102 -17.88 0.06 35.87
C LEU C 102 -16.52 -0.60 35.83
N GLY C 103 -15.46 0.19 35.85
CA GLY C 103 -14.11 -0.35 35.73
C GLY C 103 -13.39 0.31 34.59
N GLN C 104 -12.22 -0.22 34.26
CA GLN C 104 -11.29 0.35 33.29
C GLN C 104 -11.52 -0.28 31.92
N PRO C 105 -11.83 0.51 30.88
CA PRO C 105 -12.09 -0.12 29.58
C PRO C 105 -10.79 -0.55 28.94
N LEU C 106 -10.69 -1.83 28.60
CA LEU C 106 -9.50 -2.38 27.99
C LEU C 106 -9.73 -2.76 26.54
N ILE C 107 -10.98 -2.73 26.11
CA ILE C 107 -11.32 -2.79 24.70
C ILE C 107 -11.98 -1.48 24.33
N VAL C 108 -11.41 -0.78 23.37
CA VAL C 108 -11.95 0.50 22.92
C VAL C 108 -12.09 0.46 21.42
N VAL C 109 -13.28 0.77 20.95
CA VAL C 109 -13.58 0.76 19.55
C VAL C 109 -14.03 2.17 19.13
N ASN C 110 -13.22 2.81 18.28
CA ASN C 110 -13.49 4.15 17.77
C ASN C 110 -14.31 4.10 16.50
N ASN C 111 -15.59 4.41 16.62
CA ASN C 111 -16.49 4.47 15.47
C ASN C 111 -17.16 5.83 15.35
N ALA C 112 -17.08 6.65 16.39
CA ALA C 112 -17.56 8.03 16.32
C ALA C 112 -16.61 8.82 15.41
N GLY C 113 -17.12 9.31 14.30
CA GLY C 113 -16.34 9.99 13.28
C GLY C 113 -17.00 11.33 13.10
N ILE C 114 -16.66 11.96 11.98
CA ILE C 114 -17.30 13.19 11.56
C ILE C 114 -17.29 13.15 10.04
N THR C 115 -18.27 13.83 9.43
CA THR C 115 -18.52 13.86 8.00
C THR C 115 -18.72 15.35 7.62
N ARG C 116 -19.24 15.63 6.42
CA ARG C 116 -19.31 17.02 5.91
C ARG C 116 -20.24 17.93 6.72
N ASP C 126 -12.08 22.56 0.86
CA ASP C 126 -11.49 22.45 2.20
C ASP C 126 -12.02 21.33 3.08
N GLU C 127 -13.12 20.73 2.65
CA GLU C 127 -13.75 19.73 3.47
C GLU C 127 -12.88 18.52 3.54
N TRP C 128 -12.14 18.24 2.46
CA TRP C 128 -11.36 17.00 2.34
C TRP C 128 -10.35 16.84 3.45
N PHE C 129 -9.67 17.93 3.80
CA PHE C 129 -8.60 17.92 4.81
C PHE C 129 -9.15 17.93 6.21
N ASP C 130 -10.10 18.82 6.47
CA ASP C 130 -10.65 19.01 7.81
C ASP C 130 -11.30 17.75 8.37
N VAL C 131 -12.05 17.02 7.54
CA VAL C 131 -12.64 15.77 7.99
C VAL C 131 -11.59 14.79 8.51
N VAL C 132 -10.63 14.46 7.65
CA VAL C 132 -9.60 13.47 7.97
C VAL C 132 -8.77 13.93 9.16
N ASN C 133 -8.37 15.19 9.12
CA ASN C 133 -7.52 15.76 10.16
C ASN C 133 -8.23 15.83 11.50
N THR C 134 -9.51 16.20 11.49
CA THR C 134 -10.31 16.24 12.70
C THR C 134 -10.48 14.83 13.29
N ASN C 135 -10.82 13.85 12.45
CA ASN C 135 -11.01 12.48 12.93
C ASN C 135 -9.76 11.94 13.61
N LEU C 136 -8.60 12.11 12.97
CA LEU C 136 -7.36 11.56 13.48
C LEU C 136 -6.94 12.20 14.79
N ASN C 137 -7.19 13.49 14.92
CA ASN C 137 -7.01 14.14 16.21
C ASN C 137 -7.93 13.58 17.31
N SER C 138 -9.15 13.22 16.95
CA SER C 138 -10.07 12.62 17.93
C SER C 138 -9.60 11.23 18.28
N LEU C 139 -9.18 10.48 17.28
CA LEU C 139 -8.61 9.16 17.53
C LEU C 139 -7.49 9.26 18.53
N TYR C 140 -6.57 10.19 18.30
CA TYR C 140 -5.39 10.35 19.19
C TYR C 140 -5.79 10.75 20.59
N ARG C 141 -6.64 11.77 20.71
CA ARG C 141 -7.16 12.23 22.01
C ARG C 141 -7.71 11.07 22.85
N LEU C 142 -8.63 10.31 22.27
CA LEU C 142 -9.29 9.23 22.99
C LEU C 142 -8.32 8.12 23.27
N SER C 143 -7.53 7.75 22.26
CA SER C 143 -6.53 6.70 22.39
C SER C 143 -5.52 6.96 23.54
N LYS C 144 -4.92 8.16 23.55
CA LYS C 144 -4.05 8.59 24.67
C LYS C 144 -4.68 8.45 26.08
N ALA C 145 -5.94 8.82 26.22
CA ALA C 145 -6.57 8.84 27.51
C ALA C 145 -6.75 7.42 28.08
N VAL C 146 -7.22 6.51 27.25
CA VAL C 146 -7.55 5.15 27.70
C VAL C 146 -6.29 4.31 27.91
N LEU C 147 -5.13 4.83 27.51
CA LEU C 147 -3.87 4.06 27.52
C LEU C 147 -3.31 3.91 28.91
N ARG C 148 -3.61 4.84 29.82
CA ARG C 148 -3.11 4.69 31.18
C ARG C 148 -3.66 3.42 31.82
N GLY C 149 -4.96 3.18 31.63
CA GLY C 149 -5.62 1.99 32.15
C GLY C 149 -5.18 0.69 31.50
N MET C 150 -4.89 0.74 30.20
CA MET C 150 -4.40 -0.44 29.48
C MET C 150 -2.94 -0.75 29.84
N THR C 151 -2.14 0.31 29.97
CA THR C 151 -0.75 0.22 30.43
C THR C 151 -0.70 -0.45 31.80
N LYS C 152 -1.47 0.09 32.73
CA LYS C 152 -1.57 -0.46 34.09
C LYS C 152 -1.93 -1.95 34.14
N ALA C 153 -2.83 -2.40 33.26
CA ALA C 153 -3.20 -3.83 33.20
C ALA C 153 -2.24 -4.66 32.31
N ARG C 154 -1.36 -3.99 31.57
CA ARG C 154 -0.47 -4.66 30.61
C ARG C 154 -1.26 -5.53 29.60
N TRP C 155 -2.40 -5.02 29.14
CA TRP C 155 -3.19 -5.68 28.13
C TRP C 155 -4.16 -4.66 27.53
N GLY C 156 -4.43 -4.76 26.23
CA GLY C 156 -5.36 -3.81 25.59
C GLY C 156 -5.71 -4.08 24.12
N ARG C 157 -6.86 -3.53 23.71
CA ARG C 157 -7.31 -3.58 22.32
C ARG C 157 -7.90 -2.23 21.95
N ILE C 158 -7.23 -1.56 21.02
CA ILE C 158 -7.79 -0.39 20.36
C ILE C 158 -8.11 -0.79 18.91
N ILE C 159 -9.34 -0.55 18.49
CA ILE C 159 -9.75 -0.86 17.13
C ILE C 159 -10.46 0.37 16.55
N ASN C 160 -9.97 0.81 15.38
CA ASN C 160 -10.48 1.99 14.72
C ASN C 160 -11.30 1.63 13.50
N ILE C 161 -12.52 2.14 13.43
CA ILE C 161 -13.36 1.83 12.29
C ILE C 161 -13.23 2.94 11.29
N GLY C 162 -12.97 2.60 10.02
CA GLY C 162 -12.93 3.56 8.97
C GLY C 162 -14.36 3.88 8.67
N GLY C 166 -13.96 9.77 7.17
CA GLY C 166 -14.49 8.38 7.22
C GLY C 166 -14.05 7.44 6.10
N ALA C 167 -13.42 6.33 6.50
CA ALA C 167 -13.02 5.25 5.56
C ALA C 167 -14.19 4.19 5.42
N MET C 168 -15.40 4.66 5.72
CA MET C 168 -16.67 4.06 5.26
C MET C 168 -16.86 4.16 3.73
N GLY C 169 -17.41 3.11 3.11
CA GLY C 169 -17.57 3.12 1.67
C GLY C 169 -18.67 4.04 1.14
N ASN C 170 -19.76 4.22 1.89
CA ASN C 170 -20.92 5.02 1.46
C ASN C 170 -20.57 6.50 1.48
N ALA C 171 -19.73 6.86 2.44
CA ALA C 171 -19.06 8.16 2.47
C ALA C 171 -18.46 8.51 1.09
N GLY C 172 -18.12 7.48 0.31
CA GLY C 172 -17.99 7.64 -1.14
C GLY C 172 -16.55 7.65 -1.60
N GLN C 173 -16.35 7.77 -2.92
CA GLN C 173 -15.02 7.63 -3.51
C GLN C 173 -14.05 8.81 -3.30
N THR C 174 -14.58 10.04 -3.33
CA THR C 174 -13.75 11.25 -3.49
C THR C 174 -12.73 11.43 -2.32
N ASN C 175 -13.20 11.27 -1.07
CA ASN C 175 -12.37 11.31 0.18
C ASN C 175 -12.04 9.98 0.87
N TYR C 176 -12.52 8.88 0.29
CA TYR C 176 -12.33 7.57 0.86
C TYR C 176 -10.86 7.17 0.95
N ALA C 177 -10.15 7.24 -0.17
CA ALA C 177 -8.78 6.73 -0.25
C ALA C 177 -7.87 7.47 0.69
N ALA C 178 -8.16 8.74 0.88
CA ALA C 178 -7.36 9.58 1.73
C ALA C 178 -7.62 9.22 3.19
N ALA C 179 -8.89 9.15 3.58
CA ALA C 179 -9.25 8.82 4.96
C ALA C 179 -8.68 7.45 5.34
N LYS C 180 -8.61 6.55 4.36
CA LYS C 180 -8.04 5.23 4.57
C LYS C 180 -6.53 5.30 4.73
N ALA C 181 -5.88 6.10 3.89
CA ALA C 181 -4.42 6.29 3.97
C ALA C 181 -4.00 6.88 5.32
N GLY C 182 -4.79 7.84 5.84
CA GLY C 182 -4.50 8.49 7.11
C GLY C 182 -4.74 7.54 8.26
N LEU C 183 -5.80 6.76 8.19
CA LEU C 183 -6.10 5.74 9.20
C LEU C 183 -5.04 4.64 9.22
N GLU C 184 -4.67 4.14 8.06
CA GLU C 184 -3.70 3.07 7.97
C GLU C 184 -2.36 3.51 8.51
N GLY C 185 -1.93 4.74 8.22
CA GLY C 185 -0.68 5.26 8.74
C GLY C 185 -0.77 5.48 10.23
N PHE C 186 -1.88 6.06 10.66
CA PHE C 186 -2.10 6.38 12.06
C PHE C 186 -2.04 5.14 12.90
N THR C 187 -2.79 4.14 12.46
CA THR C 187 -2.99 2.88 13.20
C THR C 187 -1.67 2.18 13.37
N ARG C 188 -0.93 2.15 12.29
CA ARG C 188 0.36 1.52 12.28
C ARG C 188 1.35 2.17 13.24
N ALA C 189 1.36 3.50 13.30
CA ALA C 189 2.29 4.21 14.14
C ALA C 189 1.97 4.04 15.62
N LEU C 190 0.69 4.19 15.97
CA LEU C 190 0.26 4.03 17.36
C LEU C 190 0.56 2.63 17.86
N ALA C 191 0.29 1.62 17.01
CA ALA C 191 0.62 0.25 17.32
C ALA C 191 2.08 0.11 17.70
N ARG C 192 2.97 0.83 17.01
CA ARG C 192 4.39 0.76 17.31
C ARG C 192 4.72 1.39 18.66
N GLU C 193 4.09 2.52 18.97
CA GLU C 193 4.33 3.23 20.23
C GLU C 193 3.91 2.42 21.45
N VAL C 194 2.84 1.63 21.34
CA VAL C 194 2.28 0.95 22.52
C VAL C 194 2.49 -0.57 22.57
N GLY C 195 3.16 -1.15 21.59
CA GLY C 195 3.30 -2.61 21.49
C GLY C 195 3.99 -3.30 22.67
N SER C 196 5.05 -2.72 23.19
CA SER C 196 5.81 -3.31 24.28
C SER C 196 4.91 -3.62 25.49
N ARG C 197 3.79 -2.91 25.58
CA ARG C 197 2.84 -3.07 26.67
C ARG C 197 1.73 -4.10 26.45
N ALA C 198 1.84 -4.89 25.39
CA ALA C 198 0.84 -5.92 25.08
C ALA C 198 -0.52 -5.31 24.76
N ILE C 199 -0.48 -4.22 24.01
CA ILE C 199 -1.68 -3.53 23.54
C ILE C 199 -1.70 -3.54 22.01
N THR C 200 -2.69 -4.19 21.39
CA THR C 200 -2.80 -4.16 19.93
C THR C 200 -3.62 -2.97 19.47
N VAL C 201 -3.26 -2.45 18.30
CA VAL C 201 -3.94 -1.33 17.70
C VAL C 201 -4.15 -1.69 16.23
N ASN C 202 -5.41 -1.73 15.80
CA ASN C 202 -5.79 -2.20 14.48
C ASN C 202 -6.95 -1.42 13.96
N ALA C 203 -7.22 -1.60 12.68
CA ALA C 203 -8.28 -0.90 12.02
C ALA C 203 -9.09 -1.83 11.20
N VAL C 204 -10.31 -1.40 10.91
CA VAL C 204 -11.22 -2.13 10.01
C VAL C 204 -11.74 -1.13 9.01
N ALA C 205 -11.58 -1.45 7.74
CA ALA C 205 -11.88 -0.55 6.64
C ALA C 205 -13.08 -1.07 5.91
N PRO C 206 -14.29 -0.65 6.31
CA PRO C 206 -15.46 -1.10 5.56
C PRO C 206 -15.52 -0.59 4.11
N GLY C 207 -16.13 -1.42 3.25
CA GLY C 207 -16.49 -1.03 1.88
C GLY C 207 -17.92 -0.59 1.90
N PHE C 208 -18.75 -1.15 1.02
CA PHE C 208 -20.14 -0.75 0.95
C PHE C 208 -21.02 -1.57 1.86
N ILE C 209 -21.53 -0.92 2.90
CA ILE C 209 -22.30 -1.61 3.92
C ILE C 209 -23.76 -1.24 3.85
N ASP C 210 -24.60 -2.22 4.14
CA ASP C 210 -26.03 -2.01 4.12
C ASP C 210 -26.47 -1.25 5.35
N THR C 211 -26.89 -0.03 5.08
CA THR C 211 -27.55 0.79 6.08
C THR C 211 -28.74 1.50 5.41
N ASP C 212 -29.46 2.30 6.19
CA ASP C 212 -30.66 2.97 5.69
C ASP C 212 -30.41 3.92 4.52
N MET C 213 -29.25 4.56 4.48
CA MET C 213 -28.91 5.42 3.33
C MET C 213 -28.74 4.61 2.04
N THR C 214 -28.15 3.42 2.13
CA THR C 214 -27.78 2.63 0.94
C THR C 214 -28.94 1.79 0.41
N ARG C 215 -29.92 1.51 1.26
CA ARG C 215 -31.15 0.82 0.84
C ARG C 215 -32.00 1.57 -0.17
N GLU C 216 -31.97 2.90 -0.14
CA GLU C 216 -32.94 3.69 -0.88
C GLU C 216 -32.29 4.33 -2.09
N LEU C 217 -31.40 3.57 -2.73
CA LEU C 217 -30.84 3.95 -4.01
C LEU C 217 -31.73 3.39 -5.14
N PRO C 218 -31.90 4.13 -6.26
CA PRO C 218 -32.60 3.52 -7.43
C PRO C 218 -31.94 2.23 -7.94
N GLU C 219 -32.77 1.30 -8.45
CA GLU C 219 -32.29 0.02 -9.01
C GLU C 219 -31.15 0.23 -10.02
N ALA C 220 -31.33 1.16 -10.96
CA ALA C 220 -30.29 1.48 -11.93
C ALA C 220 -28.91 1.72 -11.29
N GLN C 221 -28.84 2.56 -10.26
CA GLN C 221 -27.56 2.83 -9.60
C GLN C 221 -27.12 1.74 -8.63
N ARG C 222 -28.07 1.10 -7.94
CA ARG C 222 -27.81 -0.08 -7.09
C ARG C 222 -27.04 -1.13 -7.87
N GLU C 223 -27.57 -1.51 -9.03
CA GLU C 223 -26.95 -2.54 -9.87
C GLU C 223 -25.53 -2.17 -10.30
N ALA C 224 -25.33 -0.91 -10.68
CA ALA C 224 -24.02 -0.42 -11.04
C ALA C 224 -23.02 -0.60 -9.88
N LEU C 225 -23.50 -0.32 -8.68
CA LEU C 225 -22.67 -0.40 -7.48
C LEU C 225 -22.31 -1.84 -7.13
N LEU C 226 -23.32 -2.69 -7.16
CA LEU C 226 -23.11 -4.10 -6.93
C LEU C 226 -22.13 -4.69 -7.98
N GLY C 227 -22.12 -4.13 -9.18
CA GLY C 227 -21.20 -4.56 -10.24
C GLY C 227 -19.75 -4.19 -10.04
N GLN C 228 -19.44 -3.40 -9.03
CA GLN C 228 -18.06 -3.13 -8.67
C GLN C 228 -17.58 -4.01 -7.48
N ILE C 229 -18.48 -4.81 -6.94
CA ILE C 229 -18.21 -5.63 -5.77
C ILE C 229 -18.22 -7.11 -6.12
N PRO C 230 -17.03 -7.74 -6.21
CA PRO C 230 -16.95 -9.16 -6.59
C PRO C 230 -17.98 -10.07 -5.94
N LEU C 231 -18.26 -9.89 -4.65
CA LEU C 231 -19.29 -10.70 -3.99
C LEU C 231 -20.70 -10.38 -4.48
N GLY C 232 -20.86 -9.31 -5.21
CA GLY C 232 -22.18 -8.94 -5.76
C GLY C 232 -23.24 -8.50 -4.76
N ARG C 233 -22.83 -8.09 -3.57
CA ARG C 233 -23.79 -7.67 -2.55
C ARG C 233 -23.19 -6.63 -1.62
N LEU C 234 -24.06 -5.88 -0.96
CA LEU C 234 -23.63 -5.01 0.13
C LEU C 234 -23.20 -5.85 1.31
N GLY C 235 -22.30 -5.31 2.11
CA GLY C 235 -21.95 -5.93 3.37
C GLY C 235 -23.03 -5.67 4.41
N GLN C 236 -23.14 -6.53 5.40
CA GLN C 236 -23.97 -6.26 6.58
C GLN C 236 -23.13 -5.62 7.71
N ALA C 237 -23.78 -4.76 8.50
CA ALA C 237 -23.14 -4.22 9.69
C ALA C 237 -22.58 -5.34 10.59
N GLU C 238 -23.31 -6.45 10.73
CA GLU C 238 -22.86 -7.60 11.55
C GLU C 238 -21.54 -8.19 11.07
N GLU C 239 -21.30 -8.08 9.76
CA GLU C 239 -20.07 -8.64 9.18
C GLU C 239 -18.84 -7.81 9.53
N ILE C 240 -19.05 -6.52 9.80
CA ILE C 240 -17.97 -5.66 10.30
C ILE C 240 -17.75 -6.01 11.75
N ALA C 241 -18.85 -6.13 12.48
CA ALA C 241 -18.81 -6.46 13.90
C ALA C 241 -18.07 -7.77 14.18
N LYS C 242 -18.23 -8.76 13.34
CA LYS C 242 -17.53 -10.00 13.56
C LYS C 242 -16.03 -9.81 13.50
N VAL C 243 -15.55 -9.04 12.55
CA VAL C 243 -14.12 -8.82 12.40
C VAL C 243 -13.58 -8.12 13.62
N VAL C 244 -14.34 -7.18 14.13
CA VAL C 244 -13.94 -6.40 15.29
C VAL C 244 -13.86 -7.32 16.50
N GLY C 245 -14.83 -8.21 16.61
CA GLY C 245 -14.89 -9.15 17.72
C GLY C 245 -13.67 -10.01 17.78
N PHE C 246 -13.18 -10.38 16.60
CA PHE C 246 -12.04 -11.28 16.53
C PHE C 246 -10.78 -10.53 16.95
N LEU C 247 -10.61 -9.32 16.42
CA LEU C 247 -9.45 -8.49 16.73
C LEU C 247 -9.34 -8.23 18.26
N ALA C 248 -10.49 -8.20 18.92
CA ALA C 248 -10.58 -8.06 20.38
C ALA C 248 -10.24 -9.33 21.18
N SER C 249 -10.35 -10.49 20.56
CA SER C 249 -10.06 -11.78 21.22
C SER C 249 -8.57 -12.00 21.51
N ASP C 250 -8.27 -13.02 22.31
CA ASP C 250 -6.89 -13.41 22.60
C ASP C 250 -6.22 -14.04 21.41
N GLY C 251 -6.99 -14.57 20.50
CA GLY C 251 -6.44 -15.18 19.27
C GLY C 251 -5.81 -14.18 18.31
N ALA C 252 -6.28 -12.95 18.31
CA ALA C 252 -5.72 -11.90 17.48
C ALA C 252 -4.59 -11.18 18.21
N ALA C 253 -3.97 -11.83 19.17
CA ALA C 253 -2.96 -11.16 20.00
C ALA C 253 -1.68 -10.80 19.24
N TYR C 254 -1.39 -11.48 18.15
CA TYR C 254 -0.18 -11.13 17.40
C TYR C 254 -0.48 -10.22 16.24
N VAL C 255 -1.73 -9.82 16.11
CA VAL C 255 -2.14 -8.91 15.04
C VAL C 255 -2.11 -7.49 15.58
N THR C 256 -1.21 -6.65 15.05
CA THR C 256 -1.19 -5.27 15.45
C THR C 256 -0.66 -4.39 14.32
N GLY C 257 -1.22 -3.19 14.19
CA GLY C 257 -0.89 -2.25 13.13
C GLY C 257 -1.57 -2.57 11.80
N ALA C 258 -2.53 -3.48 11.83
CA ALA C 258 -3.14 -3.96 10.63
C ALA C 258 -4.40 -3.19 10.33
N THR C 259 -4.66 -2.98 9.05
CA THR C 259 -5.97 -2.50 8.61
C THR C 259 -6.64 -3.60 7.76
N VAL C 260 -7.61 -4.29 8.38
CA VAL C 260 -8.37 -5.35 7.73
C VAL C 260 -9.48 -4.71 6.85
N PRO C 261 -9.38 -4.83 5.52
CA PRO C 261 -10.43 -4.37 4.65
C PRO C 261 -11.59 -5.37 4.61
N VAL C 262 -12.80 -4.86 4.72
CA VAL C 262 -14.03 -5.66 4.78
C VAL C 262 -15.00 -5.07 3.77
N ASN C 263 -14.82 -5.43 2.50
CA ASN C 263 -15.43 -4.73 1.36
C ASN C 263 -15.84 -5.62 0.21
N GLY C 264 -15.90 -6.93 0.44
CA GLY C 264 -16.42 -7.84 -0.57
C GLY C 264 -15.61 -7.84 -1.85
N GLY C 265 -14.34 -7.45 -1.75
CA GLY C 265 -13.44 -7.55 -2.87
C GLY C 265 -13.29 -6.29 -3.69
N MET C 266 -14.01 -5.23 -3.32
CA MET C 266 -13.92 -3.94 -4.01
C MET C 266 -12.88 -3.01 -3.37
N TYR C 267 -11.76 -2.80 -4.04
CA TYR C 267 -10.66 -1.99 -3.50
C TYR C 267 -10.44 -0.66 -4.27
N MET C 268 -10.86 0.44 -3.67
CA MET C 268 -10.65 1.75 -4.28
C MET C 268 -9.33 2.31 -3.81
N SER C 269 -8.52 2.83 -4.73
CA SER C 269 -7.29 3.51 -4.35
C SER C 269 -7.40 5.01 -4.65
N TYR D 19 9.84 30.47 -23.55
CA TYR D 19 8.93 29.95 -24.62
C TYR D 19 8.69 28.46 -24.44
N PHE D 20 9.19 27.63 -25.37
CA PHE D 20 8.89 26.19 -25.38
C PHE D 20 10.10 25.27 -25.55
N GLN D 21 10.51 24.68 -24.43
CA GLN D 21 11.68 23.82 -24.36
C GLN D 21 11.54 22.75 -23.30
N SER D 22 12.33 21.66 -23.39
CA SER D 22 12.00 20.36 -22.71
C SER D 22 11.72 20.52 -21.24
N MET D 23 12.66 21.19 -20.62
CA MET D 23 12.73 21.29 -19.18
C MET D 23 13.14 22.68 -18.73
N SER D 24 12.85 23.71 -19.52
CA SER D 24 13.07 25.11 -19.12
C SER D 24 11.92 25.66 -18.27
N LEU D 25 12.30 26.43 -17.25
CA LEU D 25 11.35 27.13 -16.39
C LEU D 25 11.43 28.66 -16.54
N GLN D 26 11.91 29.11 -17.70
CA GLN D 26 12.09 30.52 -17.95
C GLN D 26 10.72 31.15 -17.86
N GLY D 27 10.59 32.20 -17.03
CA GLY D 27 9.32 32.91 -16.88
C GLY D 27 8.47 32.41 -15.74
N LYS D 28 8.92 31.37 -15.05
CA LYS D 28 8.25 30.89 -13.86
C LYS D 28 8.88 31.44 -12.59
N VAL D 29 8.03 31.77 -11.65
CA VAL D 29 8.47 32.09 -10.30
C VAL D 29 8.27 30.87 -9.43
N ALA D 30 9.35 30.42 -8.80
CA ALA D 30 9.27 29.28 -7.93
C ALA D 30 9.51 29.74 -6.49
N LEU D 31 8.78 29.15 -5.57
CA LEU D 31 8.91 29.43 -4.16
C LEU D 31 9.39 28.15 -3.54
N VAL D 32 10.53 28.19 -2.87
CA VAL D 32 11.06 27.02 -2.21
C VAL D 32 11.20 27.35 -0.73
N THR D 33 10.46 26.66 0.14
CA THR D 33 10.50 26.92 1.60
C THR D 33 11.65 26.13 2.23
N GLY D 34 12.26 26.70 3.26
CA GLY D 34 13.37 26.04 3.94
C GLY D 34 14.55 25.79 3.01
N ALA D 35 15.08 26.87 2.42
CA ALA D 35 16.07 26.79 1.35
C ALA D 35 17.46 27.25 1.75
N SER D 36 17.72 27.34 3.04
CA SER D 36 19.01 27.86 3.52
C SER D 36 20.11 26.80 3.56
N ARG D 37 19.74 25.51 3.60
CA ARG D 37 20.75 24.48 3.64
C ARG D 37 20.26 23.19 3.04
N GLY D 38 21.18 22.27 2.89
CA GLY D 38 20.89 20.91 2.45
C GLY D 38 19.99 20.83 1.24
N ILE D 39 18.97 20.00 1.36
CA ILE D 39 18.08 19.68 0.28
C ILE D 39 17.35 20.92 -0.23
N GLY D 40 16.93 21.79 0.67
CA GLY D 40 16.22 22.99 0.28
C GLY D 40 17.08 23.87 -0.59
N GLN D 41 18.32 24.07 -0.15
CA GLN D 41 19.26 24.86 -0.91
C GLN D 41 19.49 24.23 -2.30
N ALA D 42 19.65 22.91 -2.33
CA ALA D 42 19.92 22.19 -3.57
C ALA D 42 18.78 22.34 -4.56
N ILE D 43 17.55 22.31 -4.04
CA ILE D 43 16.33 22.50 -4.85
C ILE D 43 16.25 23.90 -5.40
N ALA D 44 16.58 24.89 -4.57
CA ALA D 44 16.57 26.30 -5.04
C ALA D 44 17.54 26.54 -6.21
N LEU D 45 18.73 25.94 -6.14
CA LEU D 45 19.74 26.13 -7.18
C LEU D 45 19.38 25.36 -8.42
N GLU D 46 18.79 24.17 -8.22
CA GLU D 46 18.38 23.39 -9.38
C GLU D 46 17.31 24.13 -10.16
N LEU D 47 16.30 24.65 -9.47
CA LEU D 47 15.23 25.37 -10.16
C LEU D 47 15.77 26.64 -10.82
N GLY D 48 16.69 27.32 -10.14
CA GLY D 48 17.37 28.50 -10.72
C GLY D 48 18.14 28.14 -11.97
N ARG D 49 18.91 27.07 -11.92
CA ARG D 49 19.61 26.56 -13.07
C ARG D 49 18.69 26.28 -14.25
N LEU D 50 17.49 25.80 -14.00
CA LEU D 50 16.52 25.51 -15.06
C LEU D 50 15.83 26.74 -15.59
N GLY D 51 16.13 27.89 -15.02
CA GLY D 51 15.65 29.18 -15.55
C GLY D 51 14.57 29.89 -14.77
N ALA D 52 14.13 29.31 -13.65
CA ALA D 52 13.09 29.94 -12.83
C ALA D 52 13.65 31.11 -12.08
N VAL D 53 12.78 32.04 -11.74
CA VAL D 53 13.10 33.07 -10.74
C VAL D 53 12.77 32.49 -9.37
N VAL D 54 13.75 32.34 -8.51
CA VAL D 54 13.58 31.59 -7.28
C VAL D 54 13.47 32.44 -6.00
N ILE D 55 12.45 32.16 -5.20
CA ILE D 55 12.28 32.76 -3.89
C ILE D 55 12.41 31.69 -2.85
N GLY D 56 13.48 31.77 -2.05
CA GLY D 56 13.75 30.77 -1.05
C GLY D 56 13.49 31.38 0.31
N THR D 57 12.88 30.61 1.22
CA THR D 57 12.55 31.11 2.53
C THR D 57 13.30 30.36 3.63
N ALA D 58 13.52 31.09 4.73
CA ALA D 58 13.97 30.56 6.00
C ALA D 58 13.13 31.23 7.06
N THR D 59 13.26 30.79 8.32
CA THR D 59 12.47 31.31 9.44
C THR D 59 13.14 32.49 10.13
N SER D 60 14.46 32.60 9.97
CA SER D 60 15.22 33.70 10.50
C SER D 60 15.67 34.67 9.41
N ALA D 61 15.99 35.90 9.80
CA ALA D 61 16.54 36.89 8.88
C ALA D 61 17.96 36.54 8.46
N SER D 62 18.74 35.94 9.34
CA SER D 62 20.11 35.50 8.97
C SER D 62 20.05 34.50 7.83
N GLY D 63 19.13 33.53 7.95
CA GLY D 63 18.90 32.56 6.92
C GLY D 63 18.33 33.11 5.62
N ALA D 64 17.48 34.13 5.70
CA ALA D 64 17.00 34.80 4.51
C ALA D 64 18.16 35.48 3.75
N GLU D 65 19.05 36.13 4.50
CA GLU D 65 20.21 36.78 3.92
C GLU D 65 21.12 35.76 3.24
N LYS D 66 21.39 34.64 3.91
CA LYS D 66 22.24 33.59 3.37
C LYS D 66 21.71 33.00 2.06
N ILE D 67 20.39 32.85 1.99
CA ILE D 67 19.75 32.40 0.76
C ILE D 67 20.02 33.40 -0.35
N ALA D 68 19.80 34.68 -0.07
CA ALA D 68 20.01 35.73 -1.07
C ALA D 68 21.43 35.68 -1.63
N GLU D 69 22.42 35.56 -0.75
CA GLU D 69 23.81 35.49 -1.19
C GLU D 69 24.05 34.29 -2.10
N THR D 70 23.64 33.10 -1.64
CA THR D 70 23.79 31.88 -2.43
C THR D 70 23.21 32.02 -3.84
N LEU D 71 22.02 32.59 -3.94
CA LEU D 71 21.37 32.82 -5.23
C LEU D 71 22.18 33.77 -6.13
N LYS D 72 22.71 34.85 -5.54
CA LYS D 72 23.51 35.83 -6.25
C LYS D 72 24.82 35.20 -6.73
N ALA D 73 25.49 34.49 -5.83
CA ALA D 73 26.73 33.75 -6.10
C ALA D 73 26.59 32.69 -7.17
N ASN D 74 25.39 32.24 -7.45
CA ASN D 74 25.16 31.22 -8.46
C ASN D 74 24.39 31.75 -9.65
N GLY D 75 24.30 33.07 -9.74
CA GLY D 75 23.69 33.71 -10.91
C GLY D 75 22.21 33.46 -11.08
N VAL D 76 21.52 33.24 -9.97
CA VAL D 76 20.09 32.95 -9.97
C VAL D 76 19.32 34.17 -9.51
N GLU D 77 18.39 34.61 -10.33
CA GLU D 77 17.54 35.73 -10.00
C GLU D 77 16.51 35.27 -8.98
N GLY D 78 16.29 36.11 -8.00
CA GLY D 78 15.30 35.83 -6.99
C GLY D 78 15.45 36.64 -5.70
N ALA D 79 15.24 35.99 -4.57
CA ALA D 79 15.25 36.62 -3.24
C ALA D 79 15.24 35.57 -2.14
N GLY D 80 15.69 35.97 -0.96
CA GLY D 80 15.48 35.18 0.25
C GLY D 80 14.48 35.93 1.12
N LEU D 81 13.52 35.22 1.70
CA LEU D 81 12.48 35.84 2.54
C LEU D 81 12.32 35.12 3.86
N VAL D 82 11.82 35.83 4.84
CA VAL D 82 11.42 35.22 6.11
C VAL D 82 9.97 34.78 6.02
N LEU D 83 9.77 33.49 6.32
CA LEU D 83 8.47 32.87 6.20
C LEU D 83 8.33 31.90 7.33
N ASP D 84 7.23 32.02 8.04
CA ASP D 84 6.87 31.05 9.07
C ASP D 84 5.60 30.33 8.61
N VAL D 85 5.75 29.12 8.11
CA VAL D 85 4.61 28.38 7.51
C VAL D 85 3.56 27.95 8.54
N SER D 86 3.85 28.14 9.83
CA SER D 86 2.89 27.82 10.89
C SER D 86 1.91 28.97 11.16
N SER D 87 2.19 30.13 10.56
CA SER D 87 1.39 31.36 10.76
C SER D 87 0.65 31.80 9.49
N ASP D 88 -0.68 31.94 9.59
CA ASP D 88 -1.52 32.49 8.50
C ASP D 88 -1.11 33.92 8.09
N GLU D 89 -0.72 34.73 9.08
CA GLU D 89 -0.26 36.09 8.83
C GLU D 89 1.04 36.07 8.02
N SER D 90 2.01 35.27 8.48
CA SER D 90 3.31 35.16 7.78
C SER D 90 3.12 34.73 6.33
N VAL D 91 2.28 33.71 6.13
CA VAL D 91 1.96 33.20 4.81
C VAL D 91 1.31 34.27 3.95
N ALA D 92 0.31 34.96 4.49
CA ALA D 92 -0.42 36.00 3.73
C ALA D 92 0.53 37.10 3.32
N ALA D 93 1.25 37.63 4.29
CA ALA D 93 2.11 38.79 4.09
C ALA D 93 3.18 38.48 3.08
N THR D 94 3.88 37.38 3.31
CA THR D 94 4.93 36.95 2.40
C THR D 94 4.42 36.82 0.98
N LEU D 95 3.29 36.15 0.82
CA LEU D 95 2.73 35.92 -0.51
C LEU D 95 2.41 37.22 -1.21
N GLU D 96 1.91 38.19 -0.45
CA GLU D 96 1.54 39.52 -0.97
C GLU D 96 2.81 40.27 -1.41
N HIS D 97 3.85 40.21 -0.58
CA HIS D 97 5.17 40.73 -0.92
C HIS D 97 5.69 40.20 -2.23
N ILE D 98 5.63 38.89 -2.39
CA ILE D 98 6.07 38.24 -3.62
C ILE D 98 5.25 38.69 -4.84
N GLN D 99 3.93 38.81 -4.68
CA GLN D 99 3.03 39.20 -5.76
C GLN D 99 3.30 40.59 -6.27
N GLN D 100 3.54 41.53 -5.35
CA GLN D 100 3.80 42.92 -5.73
C GLN D 100 5.14 43.09 -6.46
N HIS D 101 6.21 42.52 -5.90
CA HIS D 101 7.56 42.76 -6.39
C HIS D 101 8.01 41.83 -7.52
N LEU D 102 7.68 40.54 -7.44
CA LEU D 102 8.20 39.54 -8.38
C LEU D 102 7.19 38.91 -9.32
N GLY D 103 5.95 38.77 -8.87
CA GLY D 103 4.94 38.04 -9.63
C GLY D 103 4.35 36.91 -8.80
N GLN D 104 3.56 36.06 -9.46
CA GLN D 104 2.79 35.00 -8.81
C GLN D 104 3.57 33.68 -8.85
N PRO D 105 3.88 33.06 -7.68
CA PRO D 105 4.61 31.80 -7.73
C PRO D 105 3.71 30.67 -8.22
N LEU D 106 4.13 30.01 -9.31
CA LEU D 106 3.38 28.89 -9.88
C LEU D 106 4.10 27.57 -9.66
N ILE D 107 5.33 27.63 -9.19
CA ILE D 107 6.03 26.47 -8.67
C ILE D 107 6.28 26.69 -7.18
N VAL D 108 5.77 25.80 -6.35
CA VAL D 108 5.95 25.90 -4.93
C VAL D 108 6.46 24.58 -4.41
N VAL D 109 7.56 24.64 -3.67
CA VAL D 109 8.18 23.46 -3.13
C VAL D 109 8.23 23.56 -1.62
N ASN D 110 7.51 22.66 -0.97
CA ASN D 110 7.43 22.64 0.47
C ASN D 110 8.53 21.76 1.02
N ASN D 111 9.56 22.38 1.58
CA ASN D 111 10.60 21.67 2.31
C ASN D 111 10.76 22.11 3.76
N ALA D 112 10.12 23.21 4.14
CA ALA D 112 10.11 23.64 5.54
C ALA D 112 9.28 22.71 6.42
N GLY D 113 9.96 22.10 7.40
CA GLY D 113 9.37 21.20 8.39
C GLY D 113 9.97 21.49 9.77
N ILE D 114 9.28 21.21 10.87
CA ILE D 114 9.75 21.82 12.16
C ILE D 114 11.05 21.23 12.76
N VAL D 121 17.87 14.84 24.94
CA VAL D 121 17.52 13.42 24.88
C VAL D 121 17.31 12.97 23.44
N ARG D 122 17.62 11.70 23.17
CA ARG D 122 17.32 11.08 21.89
C ARG D 122 15.80 11.07 21.59
N MET D 123 15.47 11.16 20.30
CA MET D 123 14.12 10.92 19.75
C MET D 123 13.47 9.61 20.26
N LYS D 124 12.14 9.62 20.48
CA LYS D 124 11.38 8.41 20.90
C LYS D 124 10.19 8.12 19.95
N ASP D 125 9.52 6.99 20.17
CA ASP D 125 8.45 6.54 19.28
C ASP D 125 7.09 7.11 19.65
N ASP D 126 7.06 8.15 20.48
CA ASP D 126 5.81 8.88 20.80
C ASP D 126 5.76 10.32 20.28
N GLU D 127 6.80 10.75 19.54
CA GLU D 127 6.88 12.09 18.95
C GLU D 127 6.21 12.16 17.58
N TRP D 128 5.80 11.00 17.06
CA TRP D 128 5.35 10.89 15.68
C TRP D 128 4.16 11.78 15.32
N PHE D 129 3.15 11.84 16.19
CA PHE D 129 1.87 12.44 15.84
C PHE D 129 1.88 13.95 15.71
N ASP D 130 2.34 14.66 16.73
CA ASP D 130 2.34 16.13 16.68
CA ASP D 130 2.41 16.14 16.72
C ASP D 130 3.23 16.67 15.53
N VAL D 131 4.38 16.06 15.31
CA VAL D 131 5.23 16.45 14.19
C VAL D 131 4.50 16.35 12.84
N VAL D 132 3.96 15.16 12.56
CA VAL D 132 3.29 14.88 11.30
C VAL D 132 2.06 15.74 11.14
N ASN D 133 1.25 15.84 12.21
CA ASN D 133 0.03 16.63 12.19
C ASN D 133 0.29 18.10 12.00
N THR D 134 1.31 18.60 12.68
CA THR D 134 1.71 20.00 12.52
C THR D 134 2.18 20.28 11.07
N ASN D 135 3.03 19.42 10.54
CA ASN D 135 3.54 19.62 9.18
C ASN D 135 2.42 19.65 8.16
N LEU D 136 1.50 18.69 8.22
CA LEU D 136 0.44 18.61 7.23
C LEU D 136 -0.50 19.80 7.29
N ASN D 137 -0.76 20.32 8.49
CA ASN D 137 -1.50 21.59 8.63
C ASN D 137 -0.81 22.78 8.00
N SER D 138 0.51 22.80 8.08
CA SER D 138 1.31 23.84 7.42
C SER D 138 1.33 23.65 5.92
N LEU D 139 1.48 22.41 5.47
CA LEU D 139 1.38 22.10 4.06
C LEU D 139 0.05 22.64 3.49
N TYR D 140 -1.05 22.38 4.19
CA TYR D 140 -2.36 22.79 3.74
C TYR D 140 -2.48 24.31 3.70
N ARG D 141 -2.09 24.94 4.79
CA ARG D 141 -2.14 26.41 4.90
C ARG D 141 -1.45 27.09 3.74
N LEU D 142 -0.22 26.70 3.48
CA LEU D 142 0.53 27.26 2.38
C LEU D 142 -0.07 26.89 1.03
N SER D 143 -0.40 25.60 0.86
CA SER D 143 -0.93 25.10 -0.41
C SER D 143 -2.18 25.86 -0.81
N LYS D 144 -3.13 25.98 0.11
CA LYS D 144 -4.34 26.75 -0.11
C LYS D 144 -4.09 28.18 -0.57
N ALA D 145 -3.13 28.86 0.06
CA ALA D 145 -2.90 30.26 -0.22
C ALA D 145 -2.40 30.48 -1.64
N VAL D 146 -1.49 29.65 -2.09
CA VAL D 146 -0.84 29.80 -3.41
C VAL D 146 -1.73 29.31 -4.53
N LEU D 147 -2.85 28.68 -4.19
CA LEU D 147 -3.73 28.09 -5.19
C LEU D 147 -4.56 29.11 -5.93
N ARG D 148 -4.82 30.27 -5.32
CA ARG D 148 -5.61 31.28 -6.01
C ARG D 148 -4.87 31.76 -7.26
N GLY D 149 -3.57 32.00 -7.12
CA GLY D 149 -2.71 32.39 -8.23
C GLY D 149 -2.53 31.32 -9.30
N MET D 150 -2.47 30.05 -8.89
CA MET D 150 -2.31 28.94 -9.82
C MET D 150 -3.62 28.66 -10.56
N THR D 151 -4.72 28.74 -9.82
CA THR D 151 -6.07 28.65 -10.39
C THR D 151 -6.27 29.71 -11.46
N LYS D 152 -6.00 30.96 -11.09
CA LYS D 152 -6.09 32.08 -12.01
C LYS D 152 -5.26 31.90 -13.30
N ALA D 153 -4.06 31.32 -13.21
CA ALA D 153 -3.22 31.05 -14.40
C ALA D 153 -3.57 29.71 -15.09
N ARG D 154 -4.39 28.88 -14.43
CA ARG D 154 -4.70 27.54 -14.91
C ARG D 154 -3.46 26.71 -15.23
N TRP D 155 -2.48 26.81 -14.35
CA TRP D 155 -1.27 25.99 -14.43
C TRP D 155 -0.58 26.03 -13.08
N GLY D 156 0.06 24.93 -12.68
CA GLY D 156 0.75 24.91 -11.38
C GLY D 156 1.55 23.68 -11.05
N ARG D 157 2.50 23.83 -10.13
CA ARG D 157 3.25 22.73 -9.56
C ARG D 157 3.39 22.94 -8.07
N ILE D 158 2.80 22.04 -7.30
CA ILE D 158 3.12 21.92 -5.87
C ILE D 158 3.91 20.63 -5.68
N ILE D 159 5.05 20.72 -5.00
CA ILE D 159 5.88 19.56 -4.72
C ILE D 159 6.27 19.58 -3.26
N ASN D 160 5.99 18.48 -2.58
CA ASN D 160 6.20 18.36 -1.16
C ASN D 160 7.38 17.45 -0.88
N ILE D 161 8.32 17.91 -0.07
CA ILE D 161 9.48 17.09 0.26
C ILE D 161 9.29 16.42 1.61
N GLY D 162 9.51 15.12 1.66
CA GLY D 162 9.38 14.37 2.92
C GLY D 162 10.58 14.60 3.82
N SER D 163 10.54 14.08 5.04
CA SER D 163 11.68 14.21 5.93
C SER D 163 12.69 13.10 5.64
N VAL D 164 13.97 13.41 5.77
CA VAL D 164 15.00 12.38 5.63
C VAL D 164 15.01 11.52 6.90
N VAL D 165 15.34 10.25 6.74
CA VAL D 165 15.49 9.38 7.90
C VAL D 165 16.28 10.04 9.03
N GLY D 166 15.64 10.25 10.19
CA GLY D 166 16.16 11.08 11.27
C GLY D 166 16.96 10.47 12.41
N ALA D 167 16.90 9.14 12.57
CA ALA D 167 17.53 8.43 13.68
C ALA D 167 17.56 6.91 13.44
N MET D 168 18.41 6.21 14.21
CA MET D 168 18.87 4.85 13.87
C MET D 168 18.05 3.64 14.33
N GLY D 169 17.08 3.84 15.22
CA GLY D 169 16.34 2.75 15.86
C GLY D 169 14.96 2.49 15.30
N ASN D 170 14.09 2.01 16.20
CA ASN D 170 12.66 1.83 15.90
C ASN D 170 11.96 3.17 15.93
N ALA D 171 12.25 3.92 17.00
CA ALA D 171 11.74 5.26 17.19
C ALA D 171 12.02 6.15 15.99
N GLY D 172 13.15 5.92 15.33
CA GLY D 172 13.50 6.65 14.11
C GLY D 172 12.68 6.18 12.93
N GLN D 173 12.52 4.87 12.86
CA GLN D 173 11.69 4.26 11.84
C GLN D 173 10.20 4.60 11.99
N THR D 174 9.71 4.69 13.24
CA THR D 174 8.31 5.03 13.50
C THR D 174 7.94 6.42 12.95
N ASN D 175 8.77 7.40 13.25
CA ASN D 175 8.46 8.75 12.87
C ASN D 175 8.62 8.95 11.38
N TYR D 176 9.67 8.37 10.81
CA TYR D 176 9.90 8.44 9.36
C TYR D 176 8.72 7.84 8.60
N ALA D 177 8.35 6.60 8.96
CA ALA D 177 7.34 5.88 8.20
C ALA D 177 6.00 6.57 8.29
N ALA D 178 5.75 7.20 9.42
CA ALA D 178 4.49 7.86 9.65
C ALA D 178 4.42 9.15 8.85
N ALA D 179 5.49 9.96 8.91
CA ALA D 179 5.56 11.20 8.14
C ALA D 179 5.42 10.96 6.64
N LYS D 180 5.96 9.84 6.19
CA LYS D 180 5.78 9.40 4.83
C LYS D 180 4.33 8.98 4.50
N ALA D 181 3.72 8.21 5.40
CA ALA D 181 2.35 7.76 5.21
C ALA D 181 1.40 8.94 5.09
N GLY D 182 1.60 9.96 5.92
CA GLY D 182 0.69 11.08 5.95
C GLY D 182 0.88 11.96 4.75
N LEU D 183 2.14 12.11 4.33
CA LEU D 183 2.46 12.86 3.13
C LEU D 183 1.89 12.20 1.85
N GLU D 184 2.03 10.88 1.73
CA GLU D 184 1.50 10.15 0.59
C GLU D 184 0.01 10.37 0.50
N GLY D 185 -0.68 10.25 1.62
CA GLY D 185 -2.14 10.39 1.62
C GLY D 185 -2.55 11.81 1.32
N PHE D 186 -1.88 12.75 1.97
CA PHE D 186 -2.17 14.15 1.80
C PHE D 186 -2.01 14.59 0.34
N THR D 187 -0.86 14.24 -0.23
CA THR D 187 -0.48 14.63 -1.57
C THR D 187 -1.49 14.13 -2.57
N ARG D 188 -1.85 12.87 -2.42
CA ARG D 188 -2.79 12.21 -3.30
C ARG D 188 -4.11 12.95 -3.28
N ALA D 189 -4.59 13.35 -2.09
CA ALA D 189 -5.93 13.92 -1.96
C ALA D 189 -5.95 15.30 -2.56
N LEU D 190 -4.93 16.11 -2.23
CA LEU D 190 -4.87 17.45 -2.72
C LEU D 190 -4.81 17.45 -4.25
N ALA D 191 -3.99 16.58 -4.81
CA ALA D 191 -3.91 16.41 -6.25
C ALA D 191 -5.32 16.20 -6.85
N ARG D 192 -6.17 15.45 -6.17
CA ARG D 192 -7.50 15.17 -6.67
C ARG D 192 -8.40 16.40 -6.63
N GLU D 193 -8.27 17.17 -5.57
CA GLU D 193 -9.02 18.41 -5.43
C GLU D 193 -8.72 19.44 -6.52
N VAL D 194 -7.46 19.54 -6.95
CA VAL D 194 -7.02 20.65 -7.82
C VAL D 194 -6.71 20.25 -9.27
N GLY D 195 -6.87 18.98 -9.61
CA GLY D 195 -6.45 18.48 -10.92
C GLY D 195 -7.13 19.14 -12.11
N SER D 196 -8.44 19.37 -12.00
CA SER D 196 -9.23 19.92 -13.10
C SER D 196 -8.65 21.25 -13.58
N ARG D 197 -7.90 21.93 -12.71
CA ARG D 197 -7.27 23.22 -13.02
C ARG D 197 -5.86 23.15 -13.65
N ALA D 198 -5.40 21.96 -14.02
CA ALA D 198 -4.07 21.75 -14.59
C ALA D 198 -2.94 22.05 -13.60
N ILE D 199 -3.15 21.65 -12.36
CA ILE D 199 -2.18 21.85 -11.30
C ILE D 199 -1.77 20.46 -10.79
N THR D 200 -0.50 20.12 -10.91
CA THR D 200 -0.05 18.86 -10.36
C THR D 200 0.43 19.04 -8.94
N VAL D 201 0.22 17.98 -8.15
CA VAL D 201 0.64 17.95 -6.77
C VAL D 201 1.34 16.61 -6.57
N ASN D 202 2.61 16.65 -6.18
CA ASN D 202 3.41 15.47 -6.01
C ASN D 202 4.29 15.60 -4.81
N ALA D 203 4.92 14.49 -4.45
CA ALA D 203 5.83 14.44 -3.36
C ALA D 203 7.12 13.76 -3.76
N VAL D 204 8.16 14.04 -2.99
CA VAL D 204 9.43 13.33 -3.10
C VAL D 204 9.80 12.83 -1.70
N ALA D 205 10.06 11.54 -1.61
CA ALA D 205 10.29 10.88 -0.32
C ALA D 205 11.74 10.50 -0.24
N PRO D 206 12.57 11.34 0.36
CA PRO D 206 13.98 10.98 0.49
C PRO D 206 14.19 9.84 1.47
N GLY D 207 15.21 9.04 1.19
CA GLY D 207 15.69 8.01 2.11
C GLY D 207 16.80 8.60 2.94
N PHE D 208 17.96 7.95 2.92
CA PHE D 208 19.13 8.46 3.63
C PHE D 208 19.96 9.38 2.80
N ILE D 209 19.93 10.66 3.12
CA ILE D 209 20.67 11.68 2.36
C ILE D 209 21.86 12.15 3.19
N ASP D 210 22.93 12.64 2.58
CA ASP D 210 24.10 13.02 3.39
C ASP D 210 23.91 14.18 4.40
N PRO D 218 27.50 10.31 11.46
CA PRO D 218 28.25 10.58 12.65
C PRO D 218 28.62 9.22 13.26
N GLU D 219 27.84 8.70 14.20
CA GLU D 219 28.13 7.39 14.82
C GLU D 219 28.37 6.27 13.79
N ALA D 220 29.49 5.56 13.98
CA ALA D 220 30.05 4.57 13.03
C ALA D 220 29.30 3.22 12.92
N GLN D 221 27.98 3.24 13.18
CA GLN D 221 27.04 2.27 12.55
C GLN D 221 26.70 2.73 11.10
N ARG D 222 27.58 3.56 10.55
CA ARG D 222 27.59 3.98 9.14
C ARG D 222 27.51 2.73 8.26
N GLU D 223 28.40 1.78 8.49
CA GLU D 223 28.47 0.57 7.66
C GLU D 223 27.17 -0.24 7.70
N ALA D 224 26.61 -0.38 8.89
CA ALA D 224 25.33 -1.08 9.07
C ALA D 224 24.22 -0.42 8.23
N LEU D 225 24.24 0.90 8.21
CA LEU D 225 23.25 1.69 7.49
C LEU D 225 23.38 1.57 5.97
N LEU D 226 24.60 1.72 5.49
CA LEU D 226 24.90 1.48 4.09
C LEU D 226 24.50 0.04 3.66
N GLY D 227 24.57 -0.91 4.57
CA GLY D 227 24.17 -2.29 4.28
C GLY D 227 22.67 -2.52 4.15
N GLN D 228 21.85 -1.53 4.47
CA GLN D 228 20.38 -1.58 4.22
C GLN D 228 20.01 -0.91 2.88
N ILE D 229 20.99 -0.31 2.21
CA ILE D 229 20.75 0.45 1.02
C ILE D 229 21.39 -0.25 -0.19
N PRO D 230 20.57 -0.89 -1.05
CA PRO D 230 21.05 -1.59 -2.24
C PRO D 230 22.16 -0.86 -3.04
N LEU D 231 22.03 0.44 -3.25
CA LEU D 231 23.09 1.21 -3.92
C LEU D 231 24.36 1.35 -3.08
N GLY D 232 24.31 1.00 -1.80
CA GLY D 232 25.51 1.03 -0.95
C GLY D 232 26.09 2.41 -0.61
N ARG D 233 25.29 3.45 -0.76
CA ARG D 233 25.76 4.79 -0.49
C ARG D 233 24.60 5.67 -0.01
N LEU D 234 24.95 6.78 0.66
CA LEU D 234 23.99 7.84 0.95
C LEU D 234 23.60 8.55 -0.33
N GLY D 235 22.39 9.13 -0.34
CA GLY D 235 21.99 9.98 -1.42
C GLY D 235 22.60 11.36 -1.26
N GLN D 236 22.76 12.07 -2.37
CA GLN D 236 23.15 13.47 -2.32
C GLN D 236 21.91 14.38 -2.39
N ALA D 237 22.02 15.54 -1.76
CA ALA D 237 20.97 16.56 -1.86
C ALA D 237 20.64 16.91 -3.32
N GLU D 238 21.67 17.00 -4.17
CA GLU D 238 21.47 17.28 -5.62
C GLU D 238 20.58 16.25 -6.31
N GLU D 239 20.63 15.00 -5.84
CA GLU D 239 19.88 13.92 -6.44
C GLU D 239 18.38 14.03 -6.13
N ILE D 240 18.04 14.68 -5.01
CA ILE D 240 16.66 14.98 -4.68
C ILE D 240 16.24 16.14 -5.57
N ALA D 241 17.10 17.16 -5.64
CA ALA D 241 16.84 18.35 -6.43
C ALA D 241 16.55 18.04 -7.91
N LYS D 242 17.25 17.07 -8.48
CA LYS D 242 16.98 16.70 -9.87
C LYS D 242 15.56 16.17 -10.07
N VAL D 243 15.10 15.35 -9.13
CA VAL D 243 13.76 14.79 -9.26
C VAL D 243 12.72 15.87 -9.17
N VAL D 244 12.96 16.82 -8.31
CA VAL D 244 12.05 17.93 -8.12
C VAL D 244 11.98 18.75 -9.40
N GLY D 245 13.16 18.96 -9.99
CA GLY D 245 13.27 19.77 -11.19
C GLY D 245 12.46 19.18 -12.33
N PHE D 246 12.41 17.85 -12.38
CA PHE D 246 11.67 17.16 -13.42
C PHE D 246 10.17 17.30 -13.18
N LEU D 247 9.74 17.06 -11.94
CA LEU D 247 8.31 17.18 -11.60
C LEU D 247 7.75 18.59 -11.91
N ALA D 248 8.62 19.58 -11.84
CA ALA D 248 8.26 20.97 -12.17
C ALA D 248 8.15 21.26 -13.68
N SER D 249 8.80 20.44 -14.49
CA SER D 249 8.80 20.63 -15.95
C SER D 249 7.47 20.31 -16.62
N ASP D 250 7.32 20.68 -17.89
CA ASP D 250 6.12 20.39 -18.66
C ASP D 250 6.02 18.94 -18.96
N GLY D 251 7.16 18.25 -18.96
CA GLY D 251 7.17 16.82 -19.26
C GLY D 251 6.51 15.98 -18.18
N ALA D 252 6.53 16.46 -16.93
CA ALA D 252 5.88 15.78 -15.82
C ALA D 252 4.42 16.24 -15.67
N ALA D 253 3.81 16.73 -16.75
CA ALA D 253 2.46 17.29 -16.68
C ALA D 253 1.38 16.24 -16.41
N TYR D 254 1.63 14.98 -16.75
CA TYR D 254 0.63 13.94 -16.52
C TYR D 254 0.85 13.24 -15.20
N VAL D 255 1.87 13.66 -14.45
CA VAL D 255 2.19 13.03 -13.14
C VAL D 255 1.57 13.85 -12.06
N THR D 256 0.62 13.28 -11.34
CA THR D 256 0.03 13.99 -10.22
C THR D 256 -0.47 13.00 -9.15
N GLY D 257 -0.30 13.38 -7.91
CA GLY D 257 -0.64 12.54 -6.75
C GLY D 257 0.42 11.50 -6.42
N ALA D 258 1.59 11.62 -7.04
CA ALA D 258 2.60 10.60 -6.92
C ALA D 258 3.55 10.95 -5.81
N THR D 259 4.04 9.94 -5.13
CA THR D 259 5.16 10.12 -4.23
C THR D 259 6.36 9.32 -4.77
N VAL D 260 7.32 10.06 -5.36
CA VAL D 260 8.52 9.46 -5.92
C VAL D 260 9.52 9.21 -4.83
N PRO D 261 9.83 7.93 -4.57
CA PRO D 261 10.81 7.63 -3.52
C PRO D 261 12.21 7.73 -4.08
N VAL D 262 13.08 8.37 -3.33
CA VAL D 262 14.45 8.62 -3.74
C VAL D 262 15.32 8.17 -2.59
N ASN D 263 15.58 6.87 -2.53
CA ASN D 263 16.19 6.23 -1.36
C ASN D 263 17.19 5.14 -1.65
N GLY D 264 17.66 5.03 -2.87
CA GLY D 264 18.66 4.02 -3.25
C GLY D 264 18.24 2.57 -3.06
N GLY D 265 16.94 2.32 -3.02
CA GLY D 265 16.44 0.98 -2.89
C GLY D 265 16.07 0.52 -1.49
N MET D 266 16.24 1.39 -0.49
CA MET D 266 15.87 1.08 0.92
C MET D 266 14.46 1.55 1.26
N TYR D 267 13.52 0.62 1.42
CA TYR D 267 12.13 0.95 1.69
C TYR D 267 11.67 0.52 3.10
N MET D 268 11.55 1.49 4.00
CA MET D 268 10.86 1.30 5.29
C MET D 268 9.43 1.84 5.24
N SER D 269 8.48 0.99 5.59
CA SER D 269 7.12 1.43 5.83
C SER D 269 6.70 1.09 7.27
#